data_265D
# 
_entry.id   265D 
# 
_audit_conform.dict_name       mmcif_pdbx.dic 
_audit_conform.dict_version    5.387 
_audit_conform.dict_location   http://mmcif.pdb.org/dictionaries/ascii/mmcif_pdbx.dic 
# 
loop_
_database_2.database_id 
_database_2.database_code 
_database_2.pdbx_database_accession 
_database_2.pdbx_DOI 
PDB   265D         pdb_0000265d 10.2210/pdb265d/pdb 
RCSB  BDLB72       ?            ?                   
WWPDB D_1000177677 ?            ?                   
# 
loop_
_pdbx_audit_revision_history.ordinal 
_pdbx_audit_revision_history.data_content_type 
_pdbx_audit_revision_history.major_revision 
_pdbx_audit_revision_history.minor_revision 
_pdbx_audit_revision_history.revision_date 
1 'Structure model' 1 0 1996-08-28 
2 'Structure model' 1 1 2008-05-22 
3 'Structure model' 1 2 2011-07-13 
4 'Structure model' 1 3 2012-02-29 
5 'Structure model' 1 4 2024-02-14 
# 
_pdbx_audit_revision_details.ordinal             1 
_pdbx_audit_revision_details.revision_ordinal    1 
_pdbx_audit_revision_details.data_content_type   'Structure model' 
_pdbx_audit_revision_details.provider            repository 
_pdbx_audit_revision_details.type                'Initial release' 
_pdbx_audit_revision_details.description         ? 
_pdbx_audit_revision_details.details             ? 
# 
loop_
_pdbx_audit_revision_group.ordinal 
_pdbx_audit_revision_group.revision_ordinal 
_pdbx_audit_revision_group.data_content_type 
_pdbx_audit_revision_group.group 
1 2 'Structure model' 'Version format compliance' 
2 3 'Structure model' 'Version format compliance' 
3 4 'Structure model' Other                       
4 5 'Structure model' 'Data collection'           
5 5 'Structure model' 'Database references'       
6 5 'Structure model' 'Derived calculations'      
# 
loop_
_pdbx_audit_revision_category.ordinal 
_pdbx_audit_revision_category.revision_ordinal 
_pdbx_audit_revision_category.data_content_type 
_pdbx_audit_revision_category.category 
1 5 'Structure model' chem_comp_atom         
2 5 'Structure model' chem_comp_bond         
3 5 'Structure model' database_2             
4 5 'Structure model' pdbx_struct_conn_angle 
5 5 'Structure model' struct_conn            
6 5 'Structure model' struct_conn_type       
7 5 'Structure model' struct_site            
# 
loop_
_pdbx_audit_revision_item.ordinal 
_pdbx_audit_revision_item.revision_ordinal 
_pdbx_audit_revision_item.data_content_type 
_pdbx_audit_revision_item.item 
1  5 'Structure model' '_database_2.pdbx_DOI'                        
2  5 'Structure model' '_database_2.pdbx_database_accession'         
3  5 'Structure model' '_pdbx_struct_conn_angle.ptnr1_auth_asym_id'  
4  5 'Structure model' '_pdbx_struct_conn_angle.ptnr1_auth_seq_id'   
5  5 'Structure model' '_pdbx_struct_conn_angle.ptnr1_label_asym_id' 
6  5 'Structure model' '_pdbx_struct_conn_angle.ptnr3_auth_asym_id'  
7  5 'Structure model' '_pdbx_struct_conn_angle.ptnr3_auth_seq_id'   
8  5 'Structure model' '_pdbx_struct_conn_angle.ptnr3_label_asym_id' 
9  5 'Structure model' '_pdbx_struct_conn_angle.value'               
10 5 'Structure model' '_struct_conn.conn_type_id'                   
11 5 'Structure model' '_struct_conn.id'                             
12 5 'Structure model' '_struct_conn.pdbx_dist_value'                
13 5 'Structure model' '_struct_conn.pdbx_leaving_atom_flag'         
14 5 'Structure model' '_struct_conn.ptnr1_auth_asym_id'             
15 5 'Structure model' '_struct_conn.ptnr1_auth_comp_id'             
16 5 'Structure model' '_struct_conn.ptnr1_auth_seq_id'              
17 5 'Structure model' '_struct_conn.ptnr1_label_asym_id'            
18 5 'Structure model' '_struct_conn.ptnr1_label_atom_id'            
19 5 'Structure model' '_struct_conn.ptnr1_label_comp_id'            
20 5 'Structure model' '_struct_conn.ptnr1_label_seq_id'             
21 5 'Structure model' '_struct_conn.ptnr2_auth_asym_id'             
22 5 'Structure model' '_struct_conn.ptnr2_auth_comp_id'             
23 5 'Structure model' '_struct_conn.ptnr2_auth_seq_id'              
24 5 'Structure model' '_struct_conn.ptnr2_label_asym_id'            
25 5 'Structure model' '_struct_conn.ptnr2_label_atom_id'            
26 5 'Structure model' '_struct_conn.ptnr2_label_comp_id'            
27 5 'Structure model' '_struct_conn.ptnr2_label_seq_id'             
28 5 'Structure model' '_struct_conn_type.id'                        
29 5 'Structure model' '_struct_site.pdbx_auth_asym_id'              
30 5 'Structure model' '_struct_site.pdbx_auth_comp_id'              
31 5 'Structure model' '_struct_site.pdbx_auth_seq_id'               
# 
_pdbx_database_status.status_code                     REL 
_pdbx_database_status.entry_id                        265D 
_pdbx_database_status.recvd_initial_deposition_date   1996-07-12 
_pdbx_database_status.deposit_site                    NDB 
_pdbx_database_status.process_site                    NDB 
_pdbx_database_status.status_code_sf                  REL 
_pdbx_database_status.status_code_mr                  ? 
_pdbx_database_status.SG_entry                        ? 
_pdbx_database_status.status_code_cs                  ? 
_pdbx_database_status.methods_development_category    ? 
_pdbx_database_status.pdb_format_compatible           Y 
_pdbx_database_status.status_code_nmr_data            ? 
# 
loop_
_pdbx_database_related.db_name 
_pdbx_database_related.db_id 
_pdbx_database_related.content_type 
_pdbx_database_related.details 
PDB 266D unspecified . 
PDB 267D unspecified . 
PDB 268D unspecified . 
PDB 269D unspecified . 
PDB 270D unspecified . 
PDB 271D unspecified . 
# 
loop_
_audit_author.name 
_audit_author.pdbx_ordinal 
'Partridge, B.L.' 1 
'Salisbury, S.A.' 2 
# 
loop_
_citation.id 
_citation.title 
_citation.journal_abbrev 
_citation.journal_volume 
_citation.page_first 
_citation.page_last 
_citation.year 
_citation.journal_id_ASTM 
_citation.country 
_citation.journal_id_ISSN 
_citation.journal_id_CSD 
_citation.book_publisher 
_citation.pdbx_database_id_PubMed 
_citation.pdbx_database_id_DOI 
1       'Structural Studies on Nucleic Acids' 'Thesis, University of Cambridge' ? ? ? 1996 ? UK ? 2108 ? ? ? 
primary ?                                     'To be Published'                 ? ? ? 1996 ? ?  ? 0353 ? ? ? 
# 
loop_
_citation_author.citation_id 
_citation_author.name 
_citation_author.ordinal 
_citation_author.identifier_ORCID 
primary 'Partridge, B.L.' 1 ? 
primary 'Salisbury, S.A.' 2 ? 
1       'Partridge, B.L.' 3 ? 
# 
loop_
_entity.id 
_entity.type 
_entity.src_method 
_entity.pdbx_description 
_entity.formula_weight 
_entity.pdbx_number_of_molecules 
_entity.pdbx_ec 
_entity.pdbx_mutation 
_entity.pdbx_fragment 
_entity.details 
1 polymer     man 
;DNA (5'-D(*CP*GP*(5CM)P*GP*AP*AP*TP*TP*(5CM)P*GP*CP*G)-3')
;
3691.446 2   ? ? ? ? 
2 non-polymer syn 'MAGNESIUM ION'                                              24.305   1   ? ? ? ? 
3 water       nat water                                                        18.015   117 ? ? ? ? 
# 
_entity_poly.entity_id                      1 
_entity_poly.type                           polydeoxyribonucleotide 
_entity_poly.nstd_linkage                   no 
_entity_poly.nstd_monomer                   yes 
_entity_poly.pdbx_seq_one_letter_code       '(DC)(DG)(5CM)(DG)(DA)(DA)(DT)(DT)(5CM)(DG)(DC)(DG)' 
_entity_poly.pdbx_seq_one_letter_code_can   CGCGAATTCGCG 
_entity_poly.pdbx_strand_id                 A,B 
_entity_poly.pdbx_target_identifier         ? 
# 
loop_
_pdbx_entity_nonpoly.entity_id 
_pdbx_entity_nonpoly.name 
_pdbx_entity_nonpoly.comp_id 
2 'MAGNESIUM ION' MG  
3 water           HOH 
# 
loop_
_entity_poly_seq.entity_id 
_entity_poly_seq.num 
_entity_poly_seq.mon_id 
_entity_poly_seq.hetero 
1 1  DC  n 
1 2  DG  n 
1 3  5CM n 
1 4  DG  n 
1 5  DA  n 
1 6  DA  n 
1 7  DT  n 
1 8  DT  n 
1 9  5CM n 
1 10 DG  n 
1 11 DC  n 
1 12 DG  n 
# 
loop_
_chem_comp.id 
_chem_comp.type 
_chem_comp.mon_nstd_flag 
_chem_comp.name 
_chem_comp.pdbx_synonyms 
_chem_comp.formula 
_chem_comp.formula_weight 
5CM 'DNA linking' n "5-METHYL-2'-DEOXY-CYTIDINE-5'-MONOPHOSPHATE" ? 'C10 H16 N3 O7 P' 321.224 
DA  'DNA linking' y "2'-DEOXYADENOSINE-5'-MONOPHOSPHATE"          ? 'C10 H14 N5 O6 P' 331.222 
DC  'DNA linking' y "2'-DEOXYCYTIDINE-5'-MONOPHOSPHATE"           ? 'C9 H14 N3 O7 P'  307.197 
DG  'DNA linking' y "2'-DEOXYGUANOSINE-5'-MONOPHOSPHATE"          ? 'C10 H14 N5 O7 P' 347.221 
DT  'DNA linking' y "THYMIDINE-5'-MONOPHOSPHATE"                  ? 'C10 H15 N2 O8 P' 322.208 
HOH non-polymer   . WATER                                         ? 'H2 O'            18.015  
MG  non-polymer   . 'MAGNESIUM ION'                               ? 'Mg 2'            24.305  
# 
loop_
_pdbx_poly_seq_scheme.asym_id 
_pdbx_poly_seq_scheme.entity_id 
_pdbx_poly_seq_scheme.seq_id 
_pdbx_poly_seq_scheme.mon_id 
_pdbx_poly_seq_scheme.ndb_seq_num 
_pdbx_poly_seq_scheme.pdb_seq_num 
_pdbx_poly_seq_scheme.auth_seq_num 
_pdbx_poly_seq_scheme.pdb_mon_id 
_pdbx_poly_seq_scheme.auth_mon_id 
_pdbx_poly_seq_scheme.pdb_strand_id 
_pdbx_poly_seq_scheme.pdb_ins_code 
_pdbx_poly_seq_scheme.hetero 
A 1 1  DC  1  1  1  DC  C  A . n 
A 1 2  DG  2  2  2  DG  G  A . n 
A 1 3  5CM 3  3  3  5CM +C A . n 
A 1 4  DG  4  4  4  DG  G  A . n 
A 1 5  DA  5  5  5  DA  A  A . n 
A 1 6  DA  6  6  6  DA  A  A . n 
A 1 7  DT  7  7  7  DT  T  A . n 
A 1 8  DT  8  8  8  DT  T  A . n 
A 1 9  5CM 9  9  9  5CM +C A . n 
A 1 10 DG  10 10 10 DG  G  A . n 
A 1 11 DC  11 11 11 DC  C  A . n 
A 1 12 DG  12 12 12 DG  G  A . n 
B 1 1  DC  1  13 13 DC  C  B . n 
B 1 2  DG  2  14 14 DG  G  B . n 
B 1 3  5CM 3  15 15 5CM +C B . n 
B 1 4  DG  4  16 16 DG  G  B . n 
B 1 5  DA  5  17 17 DA  A  B . n 
B 1 6  DA  6  18 18 DA  A  B . n 
B 1 7  DT  7  19 19 DT  T  B . n 
B 1 8  DT  8  20 20 DT  T  B . n 
B 1 9  5CM 9  21 21 5CM +C B . n 
B 1 10 DG  10 22 22 DG  G  B . n 
B 1 11 DC  11 23 23 DC  C  B . n 
B 1 12 DG  12 24 24 DG  G  B . n 
# 
loop_
_pdbx_nonpoly_scheme.asym_id 
_pdbx_nonpoly_scheme.entity_id 
_pdbx_nonpoly_scheme.mon_id 
_pdbx_nonpoly_scheme.ndb_seq_num 
_pdbx_nonpoly_scheme.pdb_seq_num 
_pdbx_nonpoly_scheme.auth_seq_num 
_pdbx_nonpoly_scheme.pdb_mon_id 
_pdbx_nonpoly_scheme.auth_mon_id 
_pdbx_nonpoly_scheme.pdb_strand_id 
_pdbx_nonpoly_scheme.pdb_ins_code 
C 2 MG  1  25  25  MG  MO6 A . 
D 3 HOH 1  26  26  HOH HOH A . 
D 3 HOH 2  29  29  HOH HOH A . 
D 3 HOH 3  30  30  HOH HOH A . 
D 3 HOH 4  31  31  HOH HOH A . 
D 3 HOH 5  32  32  HOH HOH A . 
D 3 HOH 6  33  33  HOH HOH A . 
D 3 HOH 7  34  34  HOH HOH A . 
D 3 HOH 8  37  37  HOH HOH A . 
D 3 HOH 9  41  41  HOH HOH A . 
D 3 HOH 10 44  44  HOH HOH A . 
D 3 HOH 11 46  46  HOH HOH A . 
D 3 HOH 12 47  47  HOH HOH A . 
D 3 HOH 13 51  51  HOH HOH A . 
D 3 HOH 14 54  54  HOH HOH A . 
D 3 HOH 15 55  55  HOH HOH A . 
D 3 HOH 16 57  57  HOH HOH A . 
D 3 HOH 17 58  58  HOH HOH A . 
D 3 HOH 18 60  60  HOH HOH A . 
D 3 HOH 19 64  64  HOH HOH A . 
D 3 HOH 20 65  65  HOH HOH A . 
D 3 HOH 21 66  66  HOH HOH A . 
D 3 HOH 22 67  67  HOH HOH A . 
D 3 HOH 23 68  68  HOH HOH A . 
D 3 HOH 24 71  71  HOH HOH A . 
D 3 HOH 25 72  72  HOH HOH A . 
D 3 HOH 26 73  73  HOH HOH A . 
D 3 HOH 27 75  75  HOH HOH A . 
D 3 HOH 28 77  77  HOH HOH A . 
D 3 HOH 29 78  78  HOH HOH A . 
D 3 HOH 30 81  81  HOH HOH A . 
D 3 HOH 31 82  82  HOH HOH A . 
D 3 HOH 32 84  84  HOH HOH A . 
D 3 HOH 33 86  86  HOH HOH A . 
D 3 HOH 34 88  88  HOH HOH A . 
D 3 HOH 35 89  89  HOH HOH A . 
D 3 HOH 36 90  90  HOH HOH A . 
D 3 HOH 37 94  94  HOH HOH A . 
D 3 HOH 38 95  95  HOH HOH A . 
D 3 HOH 39 97  97  HOH HOH A . 
D 3 HOH 40 98  98  HOH HOH A . 
D 3 HOH 41 99  99  HOH HOH A . 
D 3 HOH 42 100 100 HOH HOH A . 
D 3 HOH 43 102 102 HOH HOH A . 
D 3 HOH 44 105 105 HOH HOH A . 
D 3 HOH 45 106 106 HOH HOH A . 
D 3 HOH 46 107 107 HOH HOH A . 
D 3 HOH 47 110 110 HOH HOH A . 
D 3 HOH 48 116 116 HOH HOH A . 
D 3 HOH 49 120 120 HOH HOH A . 
D 3 HOH 50 124 124 HOH HOH A . 
D 3 HOH 51 126 126 HOH HOH A . 
D 3 HOH 52 127 127 HOH HOH A . 
D 3 HOH 53 128 128 HOH HOH A . 
D 3 HOH 54 132 132 HOH HOH A . 
D 3 HOH 55 133 133 HOH HOH A . 
D 3 HOH 56 134 134 HOH HOH A . 
D 3 HOH 57 135 135 HOH HOH A . 
D 3 HOH 58 136 136 HOH HOH A . 
D 3 HOH 59 137 25  HOH MO6 A . 
D 3 HOH 60 140 25  HOH MO6 A . 
D 3 HOH 61 141 25  HOH MO6 A . 
E 3 HOH 1  27  27  HOH HOH B . 
E 3 HOH 2  28  28  HOH HOH B . 
E 3 HOH 3  35  35  HOH HOH B . 
E 3 HOH 4  36  36  HOH HOH B . 
E 3 HOH 5  38  38  HOH HOH B . 
E 3 HOH 6  39  39  HOH HOH B . 
E 3 HOH 7  40  40  HOH HOH B . 
E 3 HOH 8  42  42  HOH HOH B . 
E 3 HOH 9  43  43  HOH HOH B . 
E 3 HOH 10 45  45  HOH HOH B . 
E 3 HOH 11 48  48  HOH HOH B . 
E 3 HOH 12 49  49  HOH HOH B . 
E 3 HOH 13 50  50  HOH HOH B . 
E 3 HOH 14 52  52  HOH HOH B . 
E 3 HOH 15 53  53  HOH HOH B . 
E 3 HOH 16 56  56  HOH HOH B . 
E 3 HOH 17 59  59  HOH HOH B . 
E 3 HOH 18 61  61  HOH HOH B . 
E 3 HOH 19 62  62  HOH HOH B . 
E 3 HOH 20 63  63  HOH HOH B . 
E 3 HOH 21 69  69  HOH HOH B . 
E 3 HOH 22 70  70  HOH HOH B . 
E 3 HOH 23 74  74  HOH HOH B . 
E 3 HOH 24 76  76  HOH HOH B . 
E 3 HOH 25 79  79  HOH HOH B . 
E 3 HOH 26 80  80  HOH HOH B . 
E 3 HOH 27 83  83  HOH HOH B . 
E 3 HOH 28 85  85  HOH HOH B . 
E 3 HOH 29 87  87  HOH HOH B . 
E 3 HOH 30 91  91  HOH HOH B . 
E 3 HOH 31 92  92  HOH HOH B . 
E 3 HOH 32 93  93  HOH HOH B . 
E 3 HOH 33 96  96  HOH HOH B . 
E 3 HOH 34 101 101 HOH HOH B . 
E 3 HOH 35 103 103 HOH HOH B . 
E 3 HOH 36 104 104 HOH HOH B . 
E 3 HOH 37 108 108 HOH HOH B . 
E 3 HOH 38 109 109 HOH HOH B . 
E 3 HOH 39 111 111 HOH HOH B . 
E 3 HOH 40 112 112 HOH HOH B . 
E 3 HOH 41 113 113 HOH HOH B . 
E 3 HOH 42 114 114 HOH HOH B . 
E 3 HOH 43 115 115 HOH HOH B . 
E 3 HOH 44 117 117 HOH HOH B . 
E 3 HOH 45 118 118 HOH HOH B . 
E 3 HOH 46 119 119 HOH HOH B . 
E 3 HOH 47 121 121 HOH HOH B . 
E 3 HOH 48 122 122 HOH HOH B . 
E 3 HOH 49 123 123 HOH HOH B . 
E 3 HOH 50 125 125 HOH HOH B . 
E 3 HOH 51 129 129 HOH HOH B . 
E 3 HOH 52 130 130 HOH HOH B . 
E 3 HOH 53 131 131 HOH HOH B . 
E 3 HOH 54 138 25  HOH MO6 B . 
E 3 HOH 55 139 25  HOH MO6 B . 
E 3 HOH 56 142 25  HOH MO6 B . 
# 
loop_
_software.name 
_software.classification 
_software.version 
_software.citation_id 
_software.pdbx_ordinal 
NUCLSQ refinement       . ? 1 
RIGAKU 'data reduction' . ? 2 
RIGAKU 'data scaling'   . ? 3 
# 
_cell.entry_id           265D 
_cell.length_a           25.426 
_cell.length_b           40.490 
_cell.length_c           65.319 
_cell.angle_alpha        90.00 
_cell.angle_beta         90.00 
_cell.angle_gamma        90.00 
_cell.Z_PDB              8 
_cell.pdbx_unique_axis   ? 
_cell.length_a_esd       ? 
_cell.length_b_esd       ? 
_cell.length_c_esd       ? 
_cell.angle_alpha_esd    ? 
_cell.angle_beta_esd     ? 
_cell.angle_gamma_esd    ? 
# 
_symmetry.entry_id                         265D 
_symmetry.space_group_name_H-M             'P 21 21 21' 
_symmetry.pdbx_full_space_group_name_H-M   ? 
_symmetry.cell_setting                     ? 
_symmetry.Int_Tables_number                19 
_symmetry.space_group_name_Hall            ? 
# 
_exptl.entry_id          265D 
_exptl.method            'X-RAY DIFFRACTION' 
_exptl.crystals_number   ? 
# 
_exptl_crystal.id                    1 
_exptl_crystal.density_meas          ? 
_exptl_crystal.density_percent_sol   45.98 
_exptl_crystal.density_Matthews      2.28 
_exptl_crystal.description           ? 
_exptl_crystal.F_000                 ? 
_exptl_crystal.preparation           ? 
# 
_exptl_crystal_grow.crystal_id      1 
_exptl_crystal_grow.method          ? 
_exptl_crystal_grow.temp            ? 
_exptl_crystal_grow.temp_details    ? 
_exptl_crystal_grow.pH              7.10 
_exptl_crystal_grow.pdbx_details    'pH 7.10' 
_exptl_crystal_grow.pdbx_pH_range   ? 
# 
loop_
_exptl_crystal_grow_comp.crystal_id 
_exptl_crystal_grow_comp.id 
_exptl_crystal_grow_comp.sol_id 
_exptl_crystal_grow_comp.name 
_exptl_crystal_grow_comp.volume 
_exptl_crystal_grow_comp.conc 
_exptl_crystal_grow_comp.details 
1 1 1 WATER           ? ? ? 
1 2 1 'NA CACODYLATE' ? ? ? 
# 
_diffrn.id                     1 
_diffrn.ambient_temp           100.00 
_diffrn.ambient_temp_details   ? 
_diffrn.crystal_id             1 
# 
_diffrn_detector.diffrn_id              1 
_diffrn_detector.detector               'IMAGE PLATE' 
_diffrn_detector.type                   'RIGAKU RAXIS IIC' 
_diffrn_detector.pdbx_collection_date   1995-03-15 
_diffrn_detector.details                ? 
# 
_diffrn_radiation.diffrn_id                        1 
_diffrn_radiation.wavelength_id                    1 
_diffrn_radiation.pdbx_monochromatic_or_laue_m_l   M 
_diffrn_radiation.monochromator                    GRAPHITE 
_diffrn_radiation.pdbx_diffrn_protocol             ? 
_diffrn_radiation.pdbx_scattering_type             x-ray 
# 
_diffrn_radiation_wavelength.id           1 
_diffrn_radiation_wavelength.wavelength   . 
_diffrn_radiation_wavelength.wt           1.0 
# 
_diffrn_source.diffrn_id                   1 
_diffrn_source.source                      'ROTATING ANODE' 
_diffrn_source.type                        'RIGAKU RU200' 
_diffrn_source.pdbx_synchrotron_site       ? 
_diffrn_source.pdbx_synchrotron_beamline   ? 
_diffrn_source.pdbx_wavelength             ? 
_diffrn_source.pdbx_wavelength_list        ? 
# 
_reflns.entry_id                     265D 
_reflns.observed_criterion_sigma_I   ? 
_reflns.observed_criterion_sigma_F   ? 
_reflns.d_resolution_low             32.600 
_reflns.d_resolution_high            2.010 
_reflns.number_obs                   11473 
_reflns.number_all                   ? 
_reflns.percent_possible_obs         ? 
_reflns.pdbx_Rmerge_I_obs            0.1148 
_reflns.pdbx_Rsym_value              ? 
_reflns.pdbx_netI_over_sigmaI        ? 
_reflns.B_iso_Wilson_estimate        ? 
_reflns.pdbx_redundancy              ? 
_reflns.pdbx_ordinal                 1 
_reflns.pdbx_diffrn_id               1 
_reflns.R_free_details               ? 
_reflns.pdbx_chi_squared             ? 
_reflns.pdbx_scaling_rejects         ? 
# 
_refine.entry_id                                 265D 
_refine.ls_number_reflns_obs                     4233 
_refine.ls_number_reflns_all                     ? 
_refine.pdbx_ls_sigma_I                          ? 
_refine.pdbx_ls_sigma_F                          4.000 
_refine.pdbx_data_cutoff_high_absF               ? 
_refine.pdbx_data_cutoff_low_absF                ? 
_refine.pdbx_data_cutoff_high_rms_absF           ? 
_refine.ls_d_res_low                             ? 
_refine.ls_d_res_high                            2.010 
_refine.ls_percent_reflns_obs                    86.200 
_refine.ls_R_factor_obs                          0.172 
_refine.ls_R_factor_all                          ? 
_refine.ls_R_factor_R_work                       ? 
_refine.ls_R_factor_R_free                       ? 
_refine.ls_R_factor_R_free_error                 ? 
_refine.ls_R_factor_R_free_error_details         ? 
_refine.ls_percent_reflns_R_free                 ? 
_refine.ls_number_reflns_R_free                  ? 
_refine.ls_number_parameters                     ? 
_refine.ls_number_restraints                     ? 
_refine.occupancy_min                            ? 
_refine.occupancy_max                            ? 
_refine.B_iso_mean                               ? 
_refine.aniso_B[1][1]                            ? 
_refine.aniso_B[2][2]                            ? 
_refine.aniso_B[3][3]                            ? 
_refine.aniso_B[1][2]                            ? 
_refine.aniso_B[1][3]                            ? 
_refine.aniso_B[2][3]                            ? 
_refine.solvent_model_details                    ? 
_refine.solvent_model_param_ksol                 ? 
_refine.solvent_model_param_bsol                 ? 
_refine.pdbx_ls_cross_valid_method               ? 
_refine.details                                  
;STANDARD R-FACTOR = 17.2% ERROR R-FACTOR = 5.3% WEIGHTED R-FACTOR = 16.8% NUMBER OF REFLECTIONS INCLUDED = 11473 AVERAGE |FO-FC| DISCREPANCY = 29.47 AVERAGE WEIGHTED |FO-FC| DISCREPANCY = 0.13 CORRELATION COEFFICIENT = 102.8% RESOLUTION BREAKDOWN "ALL" R FACTOR = 17.2%
;
_refine.pdbx_starting_model                      ? 
_refine.pdbx_method_to_determine_struct          MIR 
_refine.pdbx_isotropic_thermal_model             ? 
_refine.pdbx_stereochemistry_target_values       ? 
_refine.pdbx_stereochem_target_val_spec_case     ? 
_refine.pdbx_R_Free_selection_details            ? 
_refine.pdbx_overall_ESU_R                       ? 
_refine.pdbx_overall_ESU_R_Free                  ? 
_refine.overall_SU_ML                            ? 
_refine.overall_SU_B                             ? 
_refine.pdbx_refine_id                           'X-RAY DIFFRACTION' 
_refine.pdbx_diffrn_id                           1 
_refine.ls_redundancy_reflns_obs                 ? 
_refine.pdbx_overall_phase_error                 ? 
_refine.correlation_coeff_Fo_to_Fc               ? 
_refine.correlation_coeff_Fo_to_Fc_free          ? 
_refine.pdbx_solvent_vdw_probe_radii             ? 
_refine.pdbx_solvent_ion_probe_radii             ? 
_refine.pdbx_solvent_shrinkage_radii             ? 
_refine.overall_SU_R_Cruickshank_DPI             ? 
_refine.overall_SU_R_free                        ? 
_refine.ls_wR_factor_R_free                      ? 
_refine.ls_wR_factor_R_work                      ? 
_refine.overall_FOM_free_R_set                   ? 
_refine.overall_FOM_work_R_set                   ? 
_refine.pdbx_TLS_residual_ADP_flag               ? 
_refine.pdbx_overall_SU_R_free_Cruickshank_DPI   ? 
_refine.pdbx_overall_SU_R_Blow_DPI               ? 
_refine.pdbx_overall_SU_R_free_Blow_DPI          ? 
# 
_refine_hist.pdbx_refine_id                   'X-RAY DIFFRACTION' 
_refine_hist.cycle_id                         LAST 
_refine_hist.pdbx_number_atoms_protein        0 
_refine_hist.pdbx_number_atoms_nucleic_acid   490 
_refine_hist.pdbx_number_atoms_ligand         1 
_refine_hist.number_atoms_solvent             117 
_refine_hist.number_atoms_total               608 
_refine_hist.d_res_high                       2.010 
_refine_hist.d_res_low                        . 
# 
loop_
_refine_ls_restr.type 
_refine_ls_restr.dev_ideal 
_refine_ls_restr.dev_ideal_target 
_refine_ls_restr.weight 
_refine_ls_restr.number 
_refine_ls_restr.pdbx_refine_id 
_refine_ls_restr.pdbx_restraint_function 
n_bond_d               0.024  0.015 ? ? 'X-RAY DIFFRACTION' ? 
n_angle_d              0.053  0.025 ? ? 'X-RAY DIFFRACTION' ? 
n_planar_d             ?      ?     ? ? 'X-RAY DIFFRACTION' ? 
n_hb_or_metal_coord    ?      ?     ? ? 'X-RAY DIFFRACTION' ? 
n_sugar_bond_it        10.020 7.500 ? ? 'X-RAY DIFFRACTION' ? 
n_sugar_angle_it       11.008 7.500 ? ? 'X-RAY DIFFRACTION' ? 
n_phos_bond_it         10.707 7.500 ? ? 'X-RAY DIFFRACTION' ? 
n_phos_angle_it        11.229 7.500 ? ? 'X-RAY DIFFRACTION' ? 
n_bond_angle_restr     ?      ?     ? ? 'X-RAY DIFFRACTION' ? 
n_dihedral_angle_restr ?      ?     ? ? 'X-RAY DIFFRACTION' ? 
n_impr_tor             ?      ?     ? ? 'X-RAY DIFFRACTION' ? 
n_sugar_bond_d         ?      ?     ? ? 'X-RAY DIFFRACTION' ? 
n_sugar_bond_angle_d   ?      ?     ? ? 'X-RAY DIFFRACTION' ? 
n_phos_bond_d          0.028  0.015 ? ? 'X-RAY DIFFRACTION' ? 
n_phos_bond_angle_d    0.057  0.025 ? ? 'X-RAY DIFFRACTION' ? 
n_plane_restr          0.029  0.015 ? ? 'X-RAY DIFFRACTION' ? 
n_chiral_restr         0.055  0.040 ? ? 'X-RAY DIFFRACTION' ? 
n_singtor_nbd          0.101  0.063 ? ? 'X-RAY DIFFRACTION' ? 
n_multtor_nbd          0.272  0.063 ? ? 'X-RAY DIFFRACTION' ? 
n_xhyhbond_nbd         0.393  0.063 ? ? 'X-RAY DIFFRACTION' ? 
# 
_struct.entry_id                  265D 
_struct.title                     'STRUCTURAL STUDIES ON NUCLEIC ACIDS' 
_struct.pdbx_model_details        ? 
_struct.pdbx_CASP_flag            ? 
_struct.pdbx_model_type_details   ? 
# 
_struct_keywords.entry_id        265D 
_struct_keywords.pdbx_keywords   DNA 
_struct_keywords.text            'B-DNA, DOUBLE HELIX, MODIFIED, DNA' 
# 
loop_
_struct_asym.id 
_struct_asym.pdbx_blank_PDB_chainid_flag 
_struct_asym.pdbx_modified 
_struct_asym.entity_id 
_struct_asym.details 
A N N 1 ? 
B N N 1 ? 
C N N 2 ? 
D N N 3 ? 
E N N 3 ? 
# 
_struct_ref.id                         1 
_struct_ref.entity_id                  1 
_struct_ref.db_name                    PDB 
_struct_ref.db_code                    265D 
_struct_ref.pdbx_db_accession          265D 
_struct_ref.pdbx_align_begin           ? 
_struct_ref.pdbx_seq_one_letter_code   ? 
_struct_ref.pdbx_db_isoform            ? 
# 
loop_
_struct_ref_seq.align_id 
_struct_ref_seq.ref_id 
_struct_ref_seq.pdbx_PDB_id_code 
_struct_ref_seq.pdbx_strand_id 
_struct_ref_seq.seq_align_beg 
_struct_ref_seq.pdbx_seq_align_beg_ins_code 
_struct_ref_seq.seq_align_end 
_struct_ref_seq.pdbx_seq_align_end_ins_code 
_struct_ref_seq.pdbx_db_accession 
_struct_ref_seq.db_align_beg 
_struct_ref_seq.pdbx_db_align_beg_ins_code 
_struct_ref_seq.db_align_end 
_struct_ref_seq.pdbx_db_align_end_ins_code 
_struct_ref_seq.pdbx_auth_seq_align_beg 
_struct_ref_seq.pdbx_auth_seq_align_end 
1 1 265D A 1 ? 12 ? 265D 1  ? 12 ? 1  12 
2 1 265D B 1 ? 12 ? 265D 13 ? 24 ? 13 24 
# 
_pdbx_struct_assembly.id                   1 
_pdbx_struct_assembly.details              author_defined_assembly 
_pdbx_struct_assembly.method_details       ? 
_pdbx_struct_assembly.oligomeric_details   dimeric 
_pdbx_struct_assembly.oligomeric_count     2 
# 
_pdbx_struct_assembly_gen.assembly_id       1 
_pdbx_struct_assembly_gen.oper_expression   1 
_pdbx_struct_assembly_gen.asym_id_list      A,B,C,D,E 
# 
_pdbx_struct_oper_list.id                   1 
_pdbx_struct_oper_list.type                 'identity operation' 
_pdbx_struct_oper_list.name                 1_555 
_pdbx_struct_oper_list.symmetry_operation   x,y,z 
_pdbx_struct_oper_list.matrix[1][1]         1.0000000000 
_pdbx_struct_oper_list.matrix[1][2]         0.0000000000 
_pdbx_struct_oper_list.matrix[1][3]         0.0000000000 
_pdbx_struct_oper_list.vector[1]            0.0000000000 
_pdbx_struct_oper_list.matrix[2][1]         0.0000000000 
_pdbx_struct_oper_list.matrix[2][2]         1.0000000000 
_pdbx_struct_oper_list.matrix[2][3]         0.0000000000 
_pdbx_struct_oper_list.vector[2]            0.0000000000 
_pdbx_struct_oper_list.matrix[3][1]         0.0000000000 
_pdbx_struct_oper_list.matrix[3][2]         0.0000000000 
_pdbx_struct_oper_list.matrix[3][3]         1.0000000000 
_pdbx_struct_oper_list.vector[3]            0.0000000000 
# 
_struct_biol.id        1 
_struct_biol.details   ? 
# 
loop_
_struct_conn.id 
_struct_conn.conn_type_id 
_struct_conn.pdbx_leaving_atom_flag 
_struct_conn.pdbx_PDB_id 
_struct_conn.ptnr1_label_asym_id 
_struct_conn.ptnr1_label_comp_id 
_struct_conn.ptnr1_label_seq_id 
_struct_conn.ptnr1_label_atom_id 
_struct_conn.pdbx_ptnr1_label_alt_id 
_struct_conn.pdbx_ptnr1_PDB_ins_code 
_struct_conn.pdbx_ptnr1_standard_comp_id 
_struct_conn.ptnr1_symmetry 
_struct_conn.ptnr2_label_asym_id 
_struct_conn.ptnr2_label_comp_id 
_struct_conn.ptnr2_label_seq_id 
_struct_conn.ptnr2_label_atom_id 
_struct_conn.pdbx_ptnr2_label_alt_id 
_struct_conn.pdbx_ptnr2_PDB_ins_code 
_struct_conn.ptnr1_auth_asym_id 
_struct_conn.ptnr1_auth_comp_id 
_struct_conn.ptnr1_auth_seq_id 
_struct_conn.ptnr2_auth_asym_id 
_struct_conn.ptnr2_auth_comp_id 
_struct_conn.ptnr2_auth_seq_id 
_struct_conn.ptnr2_symmetry 
_struct_conn.pdbx_ptnr3_label_atom_id 
_struct_conn.pdbx_ptnr3_label_seq_id 
_struct_conn.pdbx_ptnr3_label_comp_id 
_struct_conn.pdbx_ptnr3_label_asym_id 
_struct_conn.pdbx_ptnr3_label_alt_id 
_struct_conn.pdbx_ptnr3_PDB_ins_code 
_struct_conn.details 
_struct_conn.pdbx_dist_value 
_struct_conn.pdbx_value_order 
_struct_conn.pdbx_role 
covale1  covale both ? A DG  2  "O3'" ? ? ? 1_555 A 5CM 3  P  ? ? A DG  2  A 5CM 3   1_555 ? ? ? ? ? ? ?            1.572 ? ? 
covale2  covale both ? A 5CM 3  "O3'" ? ? ? 1_555 A DG  4  P  ? ? A 5CM 3  A DG  4   1_555 ? ? ? ? ? ? ?            1.649 ? ? 
covale3  covale both ? A DT  8  "O3'" ? ? ? 1_555 A 5CM 9  P  ? ? A DT  8  A 5CM 9   1_555 ? ? ? ? ? ? ?            1.657 ? ? 
covale4  covale both ? A 5CM 9  "O3'" ? ? ? 1_555 A DG  10 P  ? ? A 5CM 9  A DG  10  1_555 ? ? ? ? ? ? ?            1.646 ? ? 
covale5  covale both ? B DG  2  "O3'" ? ? ? 1_555 B 5CM 3  P  ? ? B DG  14 B 5CM 15  1_555 ? ? ? ? ? ? ?            1.608 ? ? 
covale6  covale both ? B 5CM 3  "O3'" ? ? ? 1_555 B DG  4  P  ? ? B 5CM 15 B DG  16  1_555 ? ? ? ? ? ? ?            1.562 ? ? 
covale7  covale both ? B DT  8  "O3'" ? ? ? 1_555 B 5CM 9  P  ? ? B DT  20 B 5CM 21  1_555 ? ? ? ? ? ? ?            1.625 ? ? 
covale8  covale both ? B 5CM 9  "O3'" ? ? ? 1_555 B DG  10 P  ? ? B 5CM 21 B DG  22  1_555 ? ? ? ? ? ? ?            1.601 ? ? 
metalc1  metalc ?    ? C MG  .  MG    ? ? ? 1_555 D HOH .  O  ? ? A MG  25 A HOH 137 1_555 ? ? ? ? ? ? ?            2.057 ? ? 
metalc2  metalc ?    ? C MG  .  MG    ? ? ? 1_555 D HOH .  O  ? ? A MG  25 A HOH 140 1_555 ? ? ? ? ? ? ?            1.980 ? ? 
metalc3  metalc ?    ? C MG  .  MG    ? ? ? 1_555 D HOH .  O  ? ? A MG  25 A HOH 141 1_555 ? ? ? ? ? ? ?            2.129 ? ? 
metalc4  metalc ?    ? C MG  .  MG    ? ? ? 1_555 E HOH .  O  ? ? A MG  25 B HOH 138 1_555 ? ? ? ? ? ? ?            1.929 ? ? 
metalc5  metalc ?    ? C MG  .  MG    ? ? ? 1_555 E HOH .  O  ? ? A MG  25 B HOH 139 1_555 ? ? ? ? ? ? ?            2.030 ? ? 
metalc6  metalc ?    ? C MG  .  MG    ? ? ? 1_555 E HOH .  O  ? ? A MG  25 B HOH 142 1_555 ? ? ? ? ? ? ?            1.926 ? ? 
hydrog1  hydrog ?    ? A DC  1  N3    ? ? ? 1_555 B DG  12 N1 ? ? A DC  1  B DG  24  1_555 ? ? ? ? ? ? WATSON-CRICK ?     ? ? 
hydrog2  hydrog ?    ? A DC  1  N4    ? ? ? 1_555 B DG  12 O6 ? ? A DC  1  B DG  24  1_555 ? ? ? ? ? ? WATSON-CRICK ?     ? ? 
hydrog3  hydrog ?    ? A DC  1  O2    ? ? ? 1_555 B DG  12 N2 ? ? A DC  1  B DG  24  1_555 ? ? ? ? ? ? WATSON-CRICK ?     ? ? 
hydrog4  hydrog ?    ? A DG  2  N1    ? ? ? 1_555 B DC  11 N3 ? ? A DG  2  B DC  23  1_555 ? ? ? ? ? ? WATSON-CRICK ?     ? ? 
hydrog5  hydrog ?    ? A DG  2  N2    ? ? ? 1_555 B DC  11 O2 ? ? A DG  2  B DC  23  1_555 ? ? ? ? ? ? WATSON-CRICK ?     ? ? 
hydrog6  hydrog ?    ? A DG  2  O6    ? ? ? 1_555 B DC  11 N4 ? ? A DG  2  B DC  23  1_555 ? ? ? ? ? ? WATSON-CRICK ?     ? ? 
hydrog7  hydrog ?    ? A 5CM 3  N3    ? ? ? 1_555 B DG  10 N1 ? ? A 5CM 3  B DG  22  1_555 ? ? ? ? ? ? WATSON-CRICK ?     ? ? 
hydrog8  hydrog ?    ? A 5CM 3  N4    ? ? ? 1_555 B DG  10 O6 ? ? A 5CM 3  B DG  22  1_555 ? ? ? ? ? ? WATSON-CRICK ?     ? ? 
hydrog9  hydrog ?    ? A 5CM 3  O2    ? ? ? 1_555 B DG  10 N2 ? ? A 5CM 3  B DG  22  1_555 ? ? ? ? ? ? WATSON-CRICK ?     ? ? 
hydrog10 hydrog ?    ? A DG  4  N1    ? ? ? 1_555 B 5CM 9  N3 ? ? A DG  4  B 5CM 21  1_555 ? ? ? ? ? ? WATSON-CRICK ?     ? ? 
hydrog11 hydrog ?    ? A DG  4  N2    ? ? ? 1_555 B 5CM 9  O2 ? ? A DG  4  B 5CM 21  1_555 ? ? ? ? ? ? WATSON-CRICK ?     ? ? 
hydrog12 hydrog ?    ? A DG  4  O6    ? ? ? 1_555 B 5CM 9  N4 ? ? A DG  4  B 5CM 21  1_555 ? ? ? ? ? ? WATSON-CRICK ?     ? ? 
hydrog13 hydrog ?    ? A DA  5  N1    ? ? ? 1_555 B DT  8  N3 ? ? A DA  5  B DT  20  1_555 ? ? ? ? ? ? WATSON-CRICK ?     ? ? 
hydrog14 hydrog ?    ? A DA  5  N6    ? ? ? 1_555 B DT  8  O4 ? ? A DA  5  B DT  20  1_555 ? ? ? ? ? ? WATSON-CRICK ?     ? ? 
hydrog15 hydrog ?    ? A DA  6  N1    ? ? ? 1_555 B DT  7  N3 ? ? A DA  6  B DT  19  1_555 ? ? ? ? ? ? WATSON-CRICK ?     ? ? 
hydrog16 hydrog ?    ? A DA  6  N6    ? ? ? 1_555 B DT  7  O4 ? ? A DA  6  B DT  19  1_555 ? ? ? ? ? ? WATSON-CRICK ?     ? ? 
hydrog17 hydrog ?    ? A DT  7  N3    ? ? ? 1_555 B DA  6  N1 ? ? A DT  7  B DA  18  1_555 ? ? ? ? ? ? WATSON-CRICK ?     ? ? 
hydrog18 hydrog ?    ? A DT  7  O4    ? ? ? 1_555 B DA  6  N6 ? ? A DT  7  B DA  18  1_555 ? ? ? ? ? ? WATSON-CRICK ?     ? ? 
hydrog19 hydrog ?    ? A DT  8  N3    ? ? ? 1_555 B DA  5  N1 ? ? A DT  8  B DA  17  1_555 ? ? ? ? ? ? WATSON-CRICK ?     ? ? 
hydrog20 hydrog ?    ? A DT  8  O4    ? ? ? 1_555 B DA  5  N6 ? ? A DT  8  B DA  17  1_555 ? ? ? ? ? ? WATSON-CRICK ?     ? ? 
hydrog21 hydrog ?    ? A 5CM 9  N3    ? ? ? 1_555 B DG  4  N1 ? ? A 5CM 9  B DG  16  1_555 ? ? ? ? ? ? WATSON-CRICK ?     ? ? 
hydrog22 hydrog ?    ? A 5CM 9  N4    ? ? ? 1_555 B DG  4  O6 ? ? A 5CM 9  B DG  16  1_555 ? ? ? ? ? ? WATSON-CRICK ?     ? ? 
hydrog23 hydrog ?    ? A 5CM 9  O2    ? ? ? 1_555 B DG  4  N2 ? ? A 5CM 9  B DG  16  1_555 ? ? ? ? ? ? WATSON-CRICK ?     ? ? 
hydrog24 hydrog ?    ? A DG  10 N1    ? ? ? 1_555 B 5CM 3  N3 ? ? A DG  10 B 5CM 15  1_555 ? ? ? ? ? ? WATSON-CRICK ?     ? ? 
hydrog25 hydrog ?    ? A DG  10 N2    ? ? ? 1_555 B 5CM 3  O2 ? ? A DG  10 B 5CM 15  1_555 ? ? ? ? ? ? WATSON-CRICK ?     ? ? 
hydrog26 hydrog ?    ? A DG  10 O6    ? ? ? 1_555 B 5CM 3  N4 ? ? A DG  10 B 5CM 15  1_555 ? ? ? ? ? ? WATSON-CRICK ?     ? ? 
hydrog27 hydrog ?    ? A DC  11 N3    ? ? ? 1_555 B DG  2  N1 ? ? A DC  11 B DG  14  1_555 ? ? ? ? ? ? WATSON-CRICK ?     ? ? 
hydrog28 hydrog ?    ? A DC  11 N4    ? ? ? 1_555 B DG  2  O6 ? ? A DC  11 B DG  14  1_555 ? ? ? ? ? ? WATSON-CRICK ?     ? ? 
hydrog29 hydrog ?    ? A DC  11 O2    ? ? ? 1_555 B DG  2  N2 ? ? A DC  11 B DG  14  1_555 ? ? ? ? ? ? WATSON-CRICK ?     ? ? 
hydrog30 hydrog ?    ? A DG  12 N1    ? ? ? 1_555 B DC  1  N3 ? ? A DG  12 B DC  13  1_555 ? ? ? ? ? ? WATSON-CRICK ?     ? ? 
hydrog31 hydrog ?    ? A DG  12 N2    ? ? ? 1_555 B DC  1  O2 ? ? A DG  12 B DC  13  1_555 ? ? ? ? ? ? WATSON-CRICK ?     ? ? 
hydrog32 hydrog ?    ? A DG  12 O6    ? ? ? 1_555 B DC  1  N4 ? ? A DG  12 B DC  13  1_555 ? ? ? ? ? ? WATSON-CRICK ?     ? ? 
# 
loop_
_struct_conn_type.id 
_struct_conn_type.criteria 
_struct_conn_type.reference 
covale ? ? 
metalc ? ? 
hydrog ? ? 
# 
loop_
_pdbx_struct_conn_angle.id 
_pdbx_struct_conn_angle.ptnr1_label_atom_id 
_pdbx_struct_conn_angle.ptnr1_label_alt_id 
_pdbx_struct_conn_angle.ptnr1_label_asym_id 
_pdbx_struct_conn_angle.ptnr1_label_comp_id 
_pdbx_struct_conn_angle.ptnr1_label_seq_id 
_pdbx_struct_conn_angle.ptnr1_auth_atom_id 
_pdbx_struct_conn_angle.ptnr1_auth_asym_id 
_pdbx_struct_conn_angle.ptnr1_auth_comp_id 
_pdbx_struct_conn_angle.ptnr1_auth_seq_id 
_pdbx_struct_conn_angle.ptnr1_PDB_ins_code 
_pdbx_struct_conn_angle.ptnr1_symmetry 
_pdbx_struct_conn_angle.ptnr2_label_atom_id 
_pdbx_struct_conn_angle.ptnr2_label_alt_id 
_pdbx_struct_conn_angle.ptnr2_label_asym_id 
_pdbx_struct_conn_angle.ptnr2_label_comp_id 
_pdbx_struct_conn_angle.ptnr2_label_seq_id 
_pdbx_struct_conn_angle.ptnr2_auth_atom_id 
_pdbx_struct_conn_angle.ptnr2_auth_asym_id 
_pdbx_struct_conn_angle.ptnr2_auth_comp_id 
_pdbx_struct_conn_angle.ptnr2_auth_seq_id 
_pdbx_struct_conn_angle.ptnr2_PDB_ins_code 
_pdbx_struct_conn_angle.ptnr2_symmetry 
_pdbx_struct_conn_angle.ptnr3_label_atom_id 
_pdbx_struct_conn_angle.ptnr3_label_alt_id 
_pdbx_struct_conn_angle.ptnr3_label_asym_id 
_pdbx_struct_conn_angle.ptnr3_label_comp_id 
_pdbx_struct_conn_angle.ptnr3_label_seq_id 
_pdbx_struct_conn_angle.ptnr3_auth_atom_id 
_pdbx_struct_conn_angle.ptnr3_auth_asym_id 
_pdbx_struct_conn_angle.ptnr3_auth_comp_id 
_pdbx_struct_conn_angle.ptnr3_auth_seq_id 
_pdbx_struct_conn_angle.ptnr3_PDB_ins_code 
_pdbx_struct_conn_angle.ptnr3_symmetry 
_pdbx_struct_conn_angle.value 
_pdbx_struct_conn_angle.value_esd 
1  O ? D HOH . ? A HOH 137 ? 1_555 MG ? C MG . ? A MG 25 ? 1_555 O ? D HOH . ? A HOH 140 ? 1_555 86.5  ? 
2  O ? D HOH . ? A HOH 137 ? 1_555 MG ? C MG . ? A MG 25 ? 1_555 O ? D HOH . ? A HOH 141 ? 1_555 88.2  ? 
3  O ? D HOH . ? A HOH 140 ? 1_555 MG ? C MG . ? A MG 25 ? 1_555 O ? D HOH . ? A HOH 141 ? 1_555 81.7  ? 
4  O ? D HOH . ? A HOH 137 ? 1_555 MG ? C MG . ? A MG 25 ? 1_555 O ? E HOH . ? B HOH 138 ? 1_555 176.8 ? 
5  O ? D HOH . ? A HOH 140 ? 1_555 MG ? C MG . ? A MG 25 ? 1_555 O ? E HOH . ? B HOH 138 ? 1_555 94.6  ? 
6  O ? D HOH . ? A HOH 141 ? 1_555 MG ? C MG . ? A MG 25 ? 1_555 O ? E HOH . ? B HOH 138 ? 1_555 88.9  ? 
7  O ? D HOH . ? A HOH 137 ? 1_555 MG ? C MG . ? A MG 25 ? 1_555 O ? E HOH . ? B HOH 139 ? 1_555 89.4  ? 
8  O ? D HOH . ? A HOH 140 ? 1_555 MG ? C MG . ? A MG 25 ? 1_555 O ? E HOH . ? B HOH 139 ? 1_555 170.2 ? 
9  O ? D HOH . ? A HOH 141 ? 1_555 MG ? C MG . ? A MG 25 ? 1_555 O ? E HOH . ? B HOH 139 ? 1_555 89.3  ? 
10 O ? E HOH . ? B HOH 138 ? 1_555 MG ? C MG . ? A MG 25 ? 1_555 O ? E HOH . ? B HOH 139 ? 1_555 89.0  ? 
11 O ? D HOH . ? A HOH 137 ? 1_555 MG ? C MG . ? A MG 25 ? 1_555 O ? E HOH . ? B HOH 142 ? 1_555 90.3  ? 
12 O ? D HOH . ? A HOH 140 ? 1_555 MG ? C MG . ? A MG 25 ? 1_555 O ? E HOH . ? B HOH 142 ? 1_555 96.0  ? 
13 O ? D HOH . ? A HOH 141 ? 1_555 MG ? C MG . ? A MG 25 ? 1_555 O ? E HOH . ? B HOH 142 ? 1_555 177.3 ? 
14 O ? E HOH . ? B HOH 138 ? 1_555 MG ? C MG . ? A MG 25 ? 1_555 O ? E HOH . ? B HOH 142 ? 1_555 92.6  ? 
15 O ? E HOH . ? B HOH 139 ? 1_555 MG ? C MG . ? A MG 25 ? 1_555 O ? E HOH . ? B HOH 142 ? 1_555 93.0  ? 
# 
_struct_site.id                   AC1 
_struct_site.pdbx_evidence_code   Software 
_struct_site.pdbx_auth_asym_id    A 
_struct_site.pdbx_auth_comp_id    MG 
_struct_site.pdbx_auth_seq_id     25 
_struct_site.pdbx_auth_ins_code   ? 
_struct_site.pdbx_num_residues    6 
_struct_site.details              'BINDING SITE FOR RESIDUE MG A 25' 
# 
loop_
_struct_site_gen.id 
_struct_site_gen.site_id 
_struct_site_gen.pdbx_num_res 
_struct_site_gen.label_comp_id 
_struct_site_gen.label_asym_id 
_struct_site_gen.label_seq_id 
_struct_site_gen.pdbx_auth_ins_code 
_struct_site_gen.auth_comp_id 
_struct_site_gen.auth_asym_id 
_struct_site_gen.auth_seq_id 
_struct_site_gen.label_atom_id 
_struct_site_gen.label_alt_id 
_struct_site_gen.symmetry 
_struct_site_gen.details 
1 AC1 6 HOH D . ? HOH A 137 . ? 1_555 ? 
2 AC1 6 HOH D . ? HOH A 140 . ? 1_555 ? 
3 AC1 6 HOH D . ? HOH A 141 . ? 1_555 ? 
4 AC1 6 HOH E . ? HOH B 138 . ? 1_555 ? 
5 AC1 6 HOH E . ? HOH B 139 . ? 1_555 ? 
6 AC1 6 HOH E . ? HOH B 142 . ? 1_555 ? 
# 
loop_
_pdbx_validate_close_contact.id 
_pdbx_validate_close_contact.PDB_model_num 
_pdbx_validate_close_contact.auth_atom_id_1 
_pdbx_validate_close_contact.auth_asym_id_1 
_pdbx_validate_close_contact.auth_comp_id_1 
_pdbx_validate_close_contact.auth_seq_id_1 
_pdbx_validate_close_contact.PDB_ins_code_1 
_pdbx_validate_close_contact.label_alt_id_1 
_pdbx_validate_close_contact.auth_atom_id_2 
_pdbx_validate_close_contact.auth_asym_id_2 
_pdbx_validate_close_contact.auth_comp_id_2 
_pdbx_validate_close_contact.auth_seq_id_2 
_pdbx_validate_close_contact.PDB_ins_code_2 
_pdbx_validate_close_contact.label_alt_id_2 
_pdbx_validate_close_contact.dist 
1 1 O     A HOH 31  ? ? O B HOH 59  ? ? 2.07 
2 1 "O4'" B DC  13  ? ? O B HOH 52  ? ? 2.11 
3 1 OP1   A DA  6   ? ? O A HOH 34  ? ? 2.12 
4 1 OP2   A DC  11  ? ? O A HOH 97  ? ? 2.13 
5 1 O     A HOH 107 ? ? O A HOH 126 ? ? 2.19 
# 
loop_
_pdbx_validate_rmsd_bond.id 
_pdbx_validate_rmsd_bond.PDB_model_num 
_pdbx_validate_rmsd_bond.auth_atom_id_1 
_pdbx_validate_rmsd_bond.auth_asym_id_1 
_pdbx_validate_rmsd_bond.auth_comp_id_1 
_pdbx_validate_rmsd_bond.auth_seq_id_1 
_pdbx_validate_rmsd_bond.PDB_ins_code_1 
_pdbx_validate_rmsd_bond.label_alt_id_1 
_pdbx_validate_rmsd_bond.auth_atom_id_2 
_pdbx_validate_rmsd_bond.auth_asym_id_2 
_pdbx_validate_rmsd_bond.auth_comp_id_2 
_pdbx_validate_rmsd_bond.auth_seq_id_2 
_pdbx_validate_rmsd_bond.PDB_ins_code_2 
_pdbx_validate_rmsd_bond.label_alt_id_2 
_pdbx_validate_rmsd_bond.bond_value 
_pdbx_validate_rmsd_bond.bond_target_value 
_pdbx_validate_rmsd_bond.bond_deviation 
_pdbx_validate_rmsd_bond.bond_standard_deviation 
_pdbx_validate_rmsd_bond.linker_flag 
1  1 "O4'" A DC 1  ? ? "C4'" A DC 1  ? ? 1.380 1.446 -0.066 0.010 N 
2  1 C5    A DG 2  ? ? N7    A DG 2  ? ? 1.430 1.388 0.042  0.006 N 
3  1 N9    A DG 2  ? ? C4    A DG 2  ? ? 1.321 1.375 -0.054 0.008 N 
4  1 "O3'" A DG 4  ? ? "C3'" A DG 4  ? ? 1.382 1.419 -0.037 0.006 N 
5  1 N7    A DG 4  ? ? C8    A DG 4  ? ? 1.351 1.305 0.046  0.006 N 
6  1 P     A DG 10 ? ? "O5'" A DG 10 ? ? 1.657 1.593 0.064  0.010 N 
7  1 C8    A DG 10 ? ? N9    A DG 10 ? ? 1.329 1.374 -0.045 0.007 N 
8  1 "O4'" A DG 12 ? ? "C4'" A DG 12 ? ? 1.381 1.446 -0.065 0.010 N 
9  1 "O4'" B DG 16 ? ? "C1'" B DG 16 ? ? 1.489 1.420 0.069  0.011 N 
10 1 "O4'" B DG 16 ? ? "C4'" B DG 16 ? ? 1.351 1.446 -0.095 0.010 N 
11 1 C6    B DA 18 ? ? N1    B DA 18 ? ? 1.399 1.351 0.048  0.007 N 
12 1 C5    B DA 18 ? ? N7    B DA 18 ? ? 1.428 1.388 0.040  0.006 N 
13 1 "O4'" B DT 19 ? ? "C1'" B DT 19 ? ? 1.506 1.420 0.086  0.011 N 
14 1 C2    B DT 19 ? ? N3    B DT 19 ? ? 1.321 1.373 -0.052 0.008 N 
15 1 N3    B DC 23 ? ? C4    B DC 23 ? ? 1.385 1.335 0.050  0.007 N 
16 1 "O3'" B DC 23 ? ? P     B DG 24 ? ? 1.686 1.607 0.079  0.012 Y 
# 
loop_
_pdbx_validate_rmsd_angle.id 
_pdbx_validate_rmsd_angle.PDB_model_num 
_pdbx_validate_rmsd_angle.auth_atom_id_1 
_pdbx_validate_rmsd_angle.auth_asym_id_1 
_pdbx_validate_rmsd_angle.auth_comp_id_1 
_pdbx_validate_rmsd_angle.auth_seq_id_1 
_pdbx_validate_rmsd_angle.PDB_ins_code_1 
_pdbx_validate_rmsd_angle.label_alt_id_1 
_pdbx_validate_rmsd_angle.auth_atom_id_2 
_pdbx_validate_rmsd_angle.auth_asym_id_2 
_pdbx_validate_rmsd_angle.auth_comp_id_2 
_pdbx_validate_rmsd_angle.auth_seq_id_2 
_pdbx_validate_rmsd_angle.PDB_ins_code_2 
_pdbx_validate_rmsd_angle.label_alt_id_2 
_pdbx_validate_rmsd_angle.auth_atom_id_3 
_pdbx_validate_rmsd_angle.auth_asym_id_3 
_pdbx_validate_rmsd_angle.auth_comp_id_3 
_pdbx_validate_rmsd_angle.auth_seq_id_3 
_pdbx_validate_rmsd_angle.PDB_ins_code_3 
_pdbx_validate_rmsd_angle.label_alt_id_3 
_pdbx_validate_rmsd_angle.angle_value 
_pdbx_validate_rmsd_angle.angle_target_value 
_pdbx_validate_rmsd_angle.angle_deviation 
_pdbx_validate_rmsd_angle.angle_standard_deviation 
_pdbx_validate_rmsd_angle.linker_flag 
1   1 "O4'" A DC  1  ? ? "C4'" A DC  1  ? ? "C3'" A DC  1  ? ? 101.48 104.50 -3.02  0.40 N 
2   1 "C1'" A DC  1  ? ? "O4'" A DC  1  ? ? "C4'" A DC  1  ? ? 115.58 110.30 5.28   0.70 N 
3   1 "C4'" A DC  1  ? ? "C3'" A DC  1  ? ? "C2'" A DC  1  ? ? 96.61  102.20 -5.59  0.70 N 
4   1 "C3'" A DC  1  ? ? "C2'" A DC  1  ? ? "C1'" A DC  1  ? ? 97.16  102.40 -5.24  0.80 N 
5   1 "O4'" A DC  1  ? ? "C1'" A DC  1  ? ? "C2'" A DC  1  ? ? 95.99  105.90 -9.91  0.80 N 
6   1 "O4'" A DC  1  ? ? "C1'" A DC  1  ? ? N1    A DC  1  ? ? 121.04 108.30 12.74  0.30 N 
7   1 C6    A DC  1  ? ? N1    A DC  1  ? ? C2    A DC  1  ? ? 117.70 120.30 -2.60  0.40 N 
8   1 N3    A DC  1  ? ? C4    A DC  1  ? ? C5    A DC  1  ? ? 119.30 121.90 -2.60  0.40 N 
9   1 N1    A DC  1  ? ? C2    A DC  1  ? ? O2    A DC  1  ? ? 126.15 118.90 7.25   0.60 N 
10  1 N3    A DC  1  ? ? C2    A DC  1  ? ? O2    A DC  1  ? ? 113.36 121.90 -8.54  0.70 N 
11  1 "C5'" A DG  2  ? ? "C4'" A DG  2  ? ? "C3'" A DG  2  ? ? 124.01 115.70 8.31   1.20 N 
12  1 "C3'" A DG  2  ? ? "C2'" A DG  2  ? ? "C1'" A DG  2  ? ? 97.56  102.40 -4.84  0.80 N 
13  1 C6    A DG  2  ? ? N1    A DG  2  ? ? C2    A DG  2  ? ? 118.06 125.10 -7.04  0.60 N 
14  1 N1    A DG  2  ? ? C2    A DG  2  ? ? N3    A DG  2  ? ? 129.31 123.90 5.41   0.60 N 
15  1 C5    A DG  2  ? ? C6    A DG  2  ? ? N1    A DG  2  ? ? 116.12 111.50 4.62   0.50 N 
16  1 C5    A DG  2  ? ? N7    A DG  2  ? ? C8    A DG  2  ? ? 99.57  104.30 -4.73  0.50 N 
17  1 N7    A DG  2  ? ? C8    A DG  2  ? ? N9    A DG  2  ? ? 117.43 113.10 4.33   0.50 N 
18  1 C8    A DG  2  ? ? N9    A DG  2  ? ? C4    A DG  2  ? ? 103.77 106.40 -2.63  0.40 N 
19  1 N3    A DG  2  ? ? C2    A DG  2  ? ? N2    A DG  2  ? ? 111.92 119.90 -7.98  0.70 N 
20  1 C5    A DG  2  ? ? C6    A DG  2  ? ? O6    A DG  2  ? ? 120.68 128.60 -7.92  0.60 N 
21  1 "C3'" A DG  2  ? ? "O3'" A DG  2  ? ? P     A 5CM 3  ? ? 140.91 119.70 21.21  1.20 Y 
22  1 "O5'" A DG  4  ? ? "C5'" A DG  4  ? ? "C4'" A DG  4  ? ? 99.75  109.40 -9.65  0.80 N 
23  1 "C3'" A DG  4  ? ? "C2'" A DG  4  ? ? "C1'" A DG  4  ? ? 94.34  102.40 -8.06  0.80 N 
24  1 C6    A DG  4  ? ? N1    A DG  4  ? ? C2    A DG  4  ? ? 118.78 125.10 -6.32  0.60 N 
25  1 N1    A DG  4  ? ? C2    A DG  4  ? ? N3    A DG  4  ? ? 128.93 123.90 5.03   0.60 N 
26  1 C5    A DG  4  ? ? C6    A DG  4  ? ? N1    A DG  4  ? ? 116.05 111.50 4.55   0.50 N 
27  1 N3    A DG  4  ? ? C2    A DG  4  ? ? N2    A DG  4  ? ? 114.47 119.90 -5.43  0.70 N 
28  1 C5    A DG  4  ? ? C6    A DG  4  ? ? O6    A DG  4  ? ? 123.69 128.60 -4.91  0.60 N 
29  1 "C3'" A DG  4  ? ? "O3'" A DG  4  ? ? P     A DA  5  ? ? 141.85 119.70 22.15  1.20 Y 
30  1 "O5'" A DA  5  ? ? P     A DA  5  ? ? OP1   A DA  5  ? ? 100.20 105.70 -5.50  0.90 N 
31  1 "O5'" A DA  5  ? ? P     A DA  5  ? ? OP2   A DA  5  ? ? 119.56 110.70 8.86   1.20 N 
32  1 "O5'" A DA  5  ? ? "C5'" A DA  5  ? ? "C4'" A DA  5  ? ? 103.17 109.40 -6.23  0.80 N 
33  1 P     A DA  5  ? ? "O5'" A DA  5  ? ? "C5'" A DA  5  ? ? 136.16 120.90 15.26  1.60 N 
34  1 "C1'" A DA  5  ? ? "O4'" A DA  5  ? ? "C4'" A DA  5  ? ? 102.57 110.10 -7.53  1.00 N 
35  1 "O4'" A DA  5  ? ? "C1'" A DA  5  ? ? N9    A DA  5  ? ? 98.82  108.00 -9.18  0.70 N 
36  1 C6    A DA  5  ? ? N1    A DA  5  ? ? C2    A DA  5  ? ? 128.73 118.60 10.13  0.60 N 
37  1 N1    A DA  5  ? ? C2    A DA  5  ? ? N3    A DA  5  ? ? 120.98 129.30 -8.32  0.50 N 
38  1 C5    A DA  5  ? ? C6    A DA  5  ? ? N1    A DA  5  ? ? 112.47 117.70 -5.23  0.50 N 
39  1 N1    A DA  5  ? ? C6    A DA  5  ? ? N6    A DA  5  ? ? 122.96 118.60 4.36   0.60 N 
40  1 "C3'" A DA  5  ? ? "O3'" A DA  5  ? ? P     A DA  6  ? ? 132.13 119.70 12.43  1.20 Y 
41  1 C5    A DA  6  ? ? C6    A DA  6  ? ? N1    A DA  6  ? ? 113.70 117.70 -4.00  0.50 N 
42  1 "C3'" A DA  6  ? ? "O3'" A DA  6  ? ? P     A DT  7  ? ? 134.93 119.70 15.23  1.20 Y 
43  1 "O5'" A DT  7  ? ? "C5'" A DT  7  ? ? "C4'" A DT  7  ? ? 102.77 109.40 -6.63  0.80 N 
44  1 "C1'" A DT  7  ? ? "O4'" A DT  7  ? ? "C4'" A DT  7  ? ? 99.53  110.10 -10.57 1.00 N 
45  1 "O4'" A DT  7  ? ? "C1'" A DT  7  ? ? N1    A DT  7  ? ? 102.79 108.00 -5.21  0.70 N 
46  1 N3    A DT  7  ? ? C4    A DT  7  ? ? O4    A DT  7  ? ? 115.78 119.90 -4.12  0.60 N 
47  1 C4    A DT  7  ? ? C5    A DT  7  ? ? C7    A DT  7  ? ? 124.99 119.00 5.99   0.60 N 
48  1 C6    A DT  7  ? ? C5    A DT  7  ? ? C7    A DT  7  ? ? 116.09 122.90 -6.81  0.60 N 
49  1 "C3'" A DT  7  ? ? "O3'" A DT  7  ? ? P     A DT  8  ? ? 134.45 119.70 14.75  1.20 Y 
50  1 C2    A DT  8  ? ? N3    A DT  8  ? ? C4    A DT  8  ? ? 121.12 127.20 -6.08  0.60 N 
51  1 N3    A DT  8  ? ? C4    A DT  8  ? ? C5    A DT  8  ? ? 120.78 115.20 5.58   0.60 N 
52  1 C5    A DT  8  ? ? C6    A DT  8  ? ? N1    A DT  8  ? ? 119.95 123.70 -3.75  0.60 N 
53  1 "C3'" A 5CM 9  ? ? "O3'" A 5CM 9  ? ? P     A DG  10 ? ? 131.08 119.70 11.38  1.20 Y 
54  1 "O5'" A DG  10 ? ? "C5'" A DG  10 ? ? "C4'" A DG  10 ? ? 101.60 109.40 -7.80  0.80 N 
55  1 "C1'" A DG  10 ? ? "O4'" A DG  10 ? ? "C4'" A DG  10 ? ? 103.46 110.10 -6.64  1.00 N 
56  1 "C3'" A DG  10 ? ? "C2'" A DG  10 ? ? "C1'" A DG  10 ? ? 92.98  102.40 -9.42  0.80 N 
57  1 "O4'" A DG  10 ? ? "C1'" A DG  10 ? ? "C2'" A DG  10 ? ? 98.49  105.90 -7.41  0.80 N 
58  1 "O4'" A DG  10 ? ? "C1'" A DG  10 ? ? N9    A DG  10 ? ? 114.21 108.30 5.91   0.30 N 
59  1 C6    A DG  10 ? ? N1    A DG  10 ? ? C2    A DG  10 ? ? 118.59 125.10 -6.51  0.60 N 
60  1 N1    A DG  10 ? ? C2    A DG  10 ? ? N3    A DG  10 ? ? 129.06 123.90 5.16   0.60 N 
61  1 C5    A DG  10 ? ? C6    A DG  10 ? ? N1    A DG  10 ? ? 115.94 111.50 4.44   0.50 N 
62  1 C4    A DG  10 ? ? C5    A DG  10 ? ? N7    A DG  10 ? ? 108.13 110.80 -2.67  0.40 N 
63  1 C8    A DG  10 ? ? N9    A DG  10 ? ? C4    A DG  10 ? ? 102.92 106.40 -3.48  0.40 N 
64  1 N9    A DG  10 ? ? C4    A DG  10 ? ? C5    A DG  10 ? ? 108.99 105.40 3.59   0.40 N 
65  1 N3    A DG  10 ? ? C2    A DG  10 ? ? N2    A DG  10 ? ? 112.71 119.90 -7.19  0.70 N 
66  1 "O5'" A DC  11 ? ? P     A DC  11 ? ? OP2   A DC  11 ? ? 123.49 110.70 12.79  1.20 N 
67  1 "O5'" A DC  11 ? ? "C5'" A DC  11 ? ? "C4'" A DC  11 ? ? 102.32 109.40 -7.08  0.80 N 
68  1 "C5'" A DC  11 ? ? "C4'" A DC  11 ? ? "O4'" A DC  11 ? ? 117.04 109.80 7.24   1.10 N 
69  1 "O4'" A DC  11 ? ? "C1'" A DC  11 ? ? "C2'" A DC  11 ? ? 101.04 105.90 -4.86  0.80 N 
70  1 "O4'" A DC  11 ? ? "C1'" A DC  11 ? ? N1    A DC  11 ? ? 114.62 108.30 6.32   0.30 N 
71  1 C6    A DC  11 ? ? N1    A DC  11 ? ? C2    A DC  11 ? ? 117.58 120.30 -2.72  0.40 N 
72  1 C2    A DC  11 ? ? N3    A DC  11 ? ? C4    A DC  11 ? ? 123.42 119.90 3.52   0.50 N 
73  1 C5    A DC  11 ? ? C6    A DC  11 ? ? N1    A DC  11 ? ? 124.57 121.00 3.57   0.50 N 
74  1 "C3'" A DC  11 ? ? "O3'" A DC  11 ? ? P     A DG  12 ? ? 127.84 119.70 8.14   1.20 Y 
75  1 "O5'" A DG  12 ? ? "C5'" A DG  12 ? ? "C4'" A DG  12 ? ? 102.61 109.40 -6.79  0.80 N 
76  1 C6    A DG  12 ? ? N1    A DG  12 ? ? C2    A DG  12 ? ? 118.16 125.10 -6.94  0.60 N 
77  1 N1    A DG  12 ? ? C2    A DG  12 ? ? N3    A DG  12 ? ? 128.08 123.90 4.18   0.60 N 
78  1 C5    A DG  12 ? ? C6    A DG  12 ? ? N1    A DG  12 ? ? 116.50 111.50 5.00   0.50 N 
79  1 N3    A DG  12 ? ? C2    A DG  12 ? ? N2    A DG  12 ? ? 114.90 119.90 -5.00  0.70 N 
80  1 N1    A DG  12 ? ? C6    A DG  12 ? ? O6    A DG  12 ? ? 115.04 119.90 -4.86  0.60 N 
81  1 "O4'" B DC  13 ? ? "C1'" B DC  13 ? ? N1    B DC  13 ? ? 116.88 108.30 8.58   0.30 N 
82  1 C4    B DC  13 ? ? C5    B DC  13 ? ? C6    B DC  13 ? ? 113.73 117.40 -3.67  0.50 N 
83  1 "O5'" B DG  14 ? ? "C5'" B DG  14 ? ? "C4'" B DG  14 ? ? 102.74 109.40 -6.66  0.80 N 
84  1 P     B DG  14 ? ? "O5'" B DG  14 ? ? "C5'" B DG  14 ? ? 111.04 120.90 -9.86  1.60 N 
85  1 C5    B DG  14 ? ? C6    B DG  14 ? ? O6    B DG  14 ? ? 122.73 128.60 -5.87  0.60 N 
86  1 "C3'" B 5CM 15 ? ? "O3'" B 5CM 15 ? ? P     B DG  16 ? ? 136.28 119.70 16.58  1.20 Y 
87  1 "O4'" B DG  16 ? ? "C1'" B DG  16 ? ? N9    B DG  16 ? ? 112.67 108.30 4.37   0.30 N 
88  1 N1    B DG  16 ? ? C2    B DG  16 ? ? N3    B DG  16 ? ? 127.59 123.90 3.69   0.60 N 
89  1 C2    B DG  16 ? ? N3    B DG  16 ? ? C4    B DG  16 ? ? 107.86 111.90 -4.04  0.50 N 
90  1 N1    B DG  16 ? ? C6    B DG  16 ? ? O6    B DG  16 ? ? 116.13 119.90 -3.77  0.60 N 
91  1 "C3'" B DG  16 ? ? "O3'" B DG  16 ? ? P     B DA  17 ? ? 131.29 119.70 11.59  1.20 Y 
92  1 "O5'" B DA  17 ? ? P     B DA  17 ? ? OP2   B DA  17 ? ? 118.31 110.70 7.61   1.20 N 
93  1 P     B DA  17 ? ? "O5'" B DA  17 ? ? "C5'" B DA  17 ? ? 130.78 120.90 9.88   1.60 N 
94  1 "O4'" B DA  17 ? ? "C4'" B DA  17 ? ? "C3'" B DA  17 ? ? 100.33 104.50 -4.17  0.40 N 
95  1 C6    B DA  17 ? ? N1    B DA  17 ? ? C2    B DA  17 ? ? 123.45 118.60 4.85   0.60 N 
96  1 N1    B DA  17 ? ? C2    B DA  17 ? ? N3    B DA  17 ? ? 125.13 129.30 -4.17  0.50 N 
97  1 C5    B DA  17 ? ? C6    B DA  17 ? ? N1    B DA  17 ? ? 114.05 117.70 -3.65  0.50 N 
98  1 N1    B DA  17 ? ? C6    B DA  17 ? ? N6    B DA  17 ? ? 124.16 118.60 5.56   0.60 N 
99  1 "O4'" B DA  18 ? ? "C1'" B DA  18 ? ? N9    B DA  18 ? ? 103.53 108.00 -4.47  0.70 N 
100 1 C6    B DA  18 ? ? N1    B DA  18 ? ? C2    B DA  18 ? ? 122.35 118.60 3.75   0.60 N 
101 1 N1    B DA  18 ? ? C2    B DA  18 ? ? N3    B DA  18 ? ? 123.99 129.30 -5.31  0.50 N 
102 1 C5    B DA  18 ? ? N7    B DA  18 ? ? C8    B DA  18 ? ? 100.75 103.90 -3.15  0.50 N 
103 1 "C3'" B DA  18 ? ? "O3'" B DA  18 ? ? P     B DT  19 ? ? 130.14 119.70 10.44  1.20 Y 
104 1 "O5'" B DT  19 ? ? "C5'" B DT  19 ? ? "C4'" B DT  19 ? ? 103.88 109.40 -5.52  0.80 N 
105 1 "C1'" B DT  19 ? ? "O4'" B DT  19 ? ? "C4'" B DT  19 ? ? 103.06 110.10 -7.04  1.00 N 
106 1 "O4'" B DT  19 ? ? "C1'" B DT  19 ? ? N1    B DT  19 ? ? 102.02 108.00 -5.98  0.70 N 
107 1 C4    B DT  19 ? ? C5    B DT  19 ? ? C7    B DT  19 ? ? 123.54 119.00 4.54   0.60 N 
108 1 C6    B DT  19 ? ? C5    B DT  19 ? ? C7    B DT  19 ? ? 117.77 122.90 -5.13  0.60 N 
109 1 "O5'" B DT  20 ? ? P     B DT  20 ? ? OP1   B DT  20 ? ? 120.66 110.70 9.96   1.20 N 
110 1 "O4'" B DT  20 ? ? "C1'" B DT  20 ? ? N1    B DT  20 ? ? 102.65 108.00 -5.35  0.70 N 
111 1 "C3'" B DT  20 ? ? "O3'" B DT  20 ? ? P     B 5CM 21 ? ? 132.02 119.70 12.32  1.20 Y 
112 1 "C3'" B 5CM 21 ? ? "O3'" B 5CM 21 ? ? P     B DG  22 ? ? 131.44 119.70 11.74  1.20 Y 
113 1 "O5'" B DG  22 ? ? "C5'" B DG  22 ? ? "C4'" B DG  22 ? ? 99.01  109.40 -10.39 0.80 N 
114 1 P     B DG  22 ? ? "O5'" B DG  22 ? ? "C5'" B DG  22 ? ? 107.11 120.90 -13.79 1.60 N 
115 1 "C4'" B DG  22 ? ? "C3'" B DG  22 ? ? "C2'" B DG  22 ? ? 97.58  102.20 -4.62  0.70 N 
116 1 "C3'" B DG  22 ? ? "C2'" B DG  22 ? ? "C1'" B DG  22 ? ? 96.69  102.40 -5.71  0.80 N 
117 1 "O4'" B DG  22 ? ? "C1'" B DG  22 ? ? "C2'" B DG  22 ? ? 99.28  105.90 -6.62  0.80 N 
118 1 C6    B DG  22 ? ? N1    B DG  22 ? ? C2    B DG  22 ? ? 118.67 125.10 -6.43  0.60 N 
119 1 N1    B DG  22 ? ? C2    B DG  22 ? ? N3    B DG  22 ? ? 128.68 123.90 4.78   0.60 N 
120 1 C5    B DG  22 ? ? C6    B DG  22 ? ? N1    B DG  22 ? ? 115.78 111.50 4.28   0.50 N 
121 1 "C3'" B DG  22 ? ? "O3'" B DG  22 ? ? P     B DC  23 ? ? 128.62 119.70 8.92   1.20 Y 
122 1 OP1   B DC  23 ? ? P     B DC  23 ? ? OP2   B DC  23 ? ? 109.97 119.60 -9.63  1.50 N 
123 1 P     B DC  23 ? ? "O5'" B DC  23 ? ? "C5'" B DC  23 ? ? 136.34 120.90 15.44  1.60 N 
124 1 "O4'" B DC  23 ? ? "C4'" B DC  23 ? ? "C3'" B DC  23 ? ? 102.00 104.50 -2.50  0.40 N 
125 1 "O5'" B DG  24 ? ? "C5'" B DG  24 ? ? "C4'" B DG  24 ? ? 102.73 109.40 -6.67  0.80 N 
126 1 "O4'" B DG  24 ? ? "C1'" B DG  24 ? ? N9    B DG  24 ? ? 112.53 108.30 4.23   0.30 N 
127 1 C6    B DG  24 ? ? N1    B DG  24 ? ? C2    B DG  24 ? ? 117.98 125.10 -7.12  0.60 N 
128 1 C5    B DG  24 ? ? C6    B DG  24 ? ? N1    B DG  24 ? ? 117.10 111.50 5.60   0.50 N 
# 
loop_
_pdbx_struct_mod_residue.id 
_pdbx_struct_mod_residue.label_asym_id 
_pdbx_struct_mod_residue.label_comp_id 
_pdbx_struct_mod_residue.label_seq_id 
_pdbx_struct_mod_residue.auth_asym_id 
_pdbx_struct_mod_residue.auth_comp_id 
_pdbx_struct_mod_residue.auth_seq_id 
_pdbx_struct_mod_residue.PDB_ins_code 
_pdbx_struct_mod_residue.parent_comp_id 
_pdbx_struct_mod_residue.details 
1 A 5CM 3 A 5CM 3  ? DC ? 
2 A 5CM 9 A 5CM 9  ? DC ? 
3 B 5CM 3 B 5CM 15 ? DC ? 
4 B 5CM 9 B 5CM 21 ? DC ? 
# 
loop_
_chem_comp_atom.comp_id 
_chem_comp_atom.atom_id 
_chem_comp_atom.type_symbol 
_chem_comp_atom.pdbx_aromatic_flag 
_chem_comp_atom.pdbx_stereo_config 
_chem_comp_atom.pdbx_ordinal 
5CM N1     N  N N 1   
5CM C2     C  N N 2   
5CM N3     N  N N 3   
5CM C4     C  N N 4   
5CM C5     C  N N 5   
5CM C5A    C  N N 6   
5CM C6     C  N N 7   
5CM O2     O  N N 8   
5CM N4     N  N N 9   
5CM "C1'"  C  N R 10  
5CM "C2'"  C  N N 11  
5CM "C3'"  C  N S 12  
5CM "C4'"  C  N R 13  
5CM "O4'"  O  N N 14  
5CM "O3'"  O  N N 15  
5CM "C5'"  C  N N 16  
5CM "O5'"  O  N N 17  
5CM P      P  N N 18  
5CM OP1    O  N N 19  
5CM OP2    O  N N 20  
5CM OP3    O  N N 21  
5CM H5A1   H  N N 22  
5CM H5A2   H  N N 23  
5CM H5A3   H  N N 24  
5CM H6     H  N N 25  
5CM HN41   H  N N 26  
5CM HN42   H  N N 27  
5CM "H1'"  H  N N 28  
5CM "H2'"  H  N N 29  
5CM "H2''" H  N N 30  
5CM "H3'"  H  N N 31  
5CM "H4'"  H  N N 32  
5CM "HO3'" H  N N 33  
5CM "H5'"  H  N N 34  
5CM "H5''" H  N N 35  
5CM HOP2   H  N N 36  
5CM HOP3   H  N N 37  
DA  OP3    O  N N 38  
DA  P      P  N N 39  
DA  OP1    O  N N 40  
DA  OP2    O  N N 41  
DA  "O5'"  O  N N 42  
DA  "C5'"  C  N N 43  
DA  "C4'"  C  N R 44  
DA  "O4'"  O  N N 45  
DA  "C3'"  C  N S 46  
DA  "O3'"  O  N N 47  
DA  "C2'"  C  N N 48  
DA  "C1'"  C  N R 49  
DA  N9     N  Y N 50  
DA  C8     C  Y N 51  
DA  N7     N  Y N 52  
DA  C5     C  Y N 53  
DA  C6     C  Y N 54  
DA  N6     N  N N 55  
DA  N1     N  Y N 56  
DA  C2     C  Y N 57  
DA  N3     N  Y N 58  
DA  C4     C  Y N 59  
DA  HOP3   H  N N 60  
DA  HOP2   H  N N 61  
DA  "H5'"  H  N N 62  
DA  "H5''" H  N N 63  
DA  "H4'"  H  N N 64  
DA  "H3'"  H  N N 65  
DA  "HO3'" H  N N 66  
DA  "H2'"  H  N N 67  
DA  "H2''" H  N N 68  
DA  "H1'"  H  N N 69  
DA  H8     H  N N 70  
DA  H61    H  N N 71  
DA  H62    H  N N 72  
DA  H2     H  N N 73  
DC  OP3    O  N N 74  
DC  P      P  N N 75  
DC  OP1    O  N N 76  
DC  OP2    O  N N 77  
DC  "O5'"  O  N N 78  
DC  "C5'"  C  N N 79  
DC  "C4'"  C  N R 80  
DC  "O4'"  O  N N 81  
DC  "C3'"  C  N S 82  
DC  "O3'"  O  N N 83  
DC  "C2'"  C  N N 84  
DC  "C1'"  C  N R 85  
DC  N1     N  N N 86  
DC  C2     C  N N 87  
DC  O2     O  N N 88  
DC  N3     N  N N 89  
DC  C4     C  N N 90  
DC  N4     N  N N 91  
DC  C5     C  N N 92  
DC  C6     C  N N 93  
DC  HOP3   H  N N 94  
DC  HOP2   H  N N 95  
DC  "H5'"  H  N N 96  
DC  "H5''" H  N N 97  
DC  "H4'"  H  N N 98  
DC  "H3'"  H  N N 99  
DC  "HO3'" H  N N 100 
DC  "H2'"  H  N N 101 
DC  "H2''" H  N N 102 
DC  "H1'"  H  N N 103 
DC  H41    H  N N 104 
DC  H42    H  N N 105 
DC  H5     H  N N 106 
DC  H6     H  N N 107 
DG  OP3    O  N N 108 
DG  P      P  N N 109 
DG  OP1    O  N N 110 
DG  OP2    O  N N 111 
DG  "O5'"  O  N N 112 
DG  "C5'"  C  N N 113 
DG  "C4'"  C  N R 114 
DG  "O4'"  O  N N 115 
DG  "C3'"  C  N S 116 
DG  "O3'"  O  N N 117 
DG  "C2'"  C  N N 118 
DG  "C1'"  C  N R 119 
DG  N9     N  Y N 120 
DG  C8     C  Y N 121 
DG  N7     N  Y N 122 
DG  C5     C  Y N 123 
DG  C6     C  N N 124 
DG  O6     O  N N 125 
DG  N1     N  N N 126 
DG  C2     C  N N 127 
DG  N2     N  N N 128 
DG  N3     N  N N 129 
DG  C4     C  Y N 130 
DG  HOP3   H  N N 131 
DG  HOP2   H  N N 132 
DG  "H5'"  H  N N 133 
DG  "H5''" H  N N 134 
DG  "H4'"  H  N N 135 
DG  "H3'"  H  N N 136 
DG  "HO3'" H  N N 137 
DG  "H2'"  H  N N 138 
DG  "H2''" H  N N 139 
DG  "H1'"  H  N N 140 
DG  H8     H  N N 141 
DG  H1     H  N N 142 
DG  H21    H  N N 143 
DG  H22    H  N N 144 
DT  OP3    O  N N 145 
DT  P      P  N N 146 
DT  OP1    O  N N 147 
DT  OP2    O  N N 148 
DT  "O5'"  O  N N 149 
DT  "C5'"  C  N N 150 
DT  "C4'"  C  N R 151 
DT  "O4'"  O  N N 152 
DT  "C3'"  C  N S 153 
DT  "O3'"  O  N N 154 
DT  "C2'"  C  N N 155 
DT  "C1'"  C  N R 156 
DT  N1     N  N N 157 
DT  C2     C  N N 158 
DT  O2     O  N N 159 
DT  N3     N  N N 160 
DT  C4     C  N N 161 
DT  O4     O  N N 162 
DT  C5     C  N N 163 
DT  C7     C  N N 164 
DT  C6     C  N N 165 
DT  HOP3   H  N N 166 
DT  HOP2   H  N N 167 
DT  "H5'"  H  N N 168 
DT  "H5''" H  N N 169 
DT  "H4'"  H  N N 170 
DT  "H3'"  H  N N 171 
DT  "HO3'" H  N N 172 
DT  "H2'"  H  N N 173 
DT  "H2''" H  N N 174 
DT  "H1'"  H  N N 175 
DT  H3     H  N N 176 
DT  H71    H  N N 177 
DT  H72    H  N N 178 
DT  H73    H  N N 179 
DT  H6     H  N N 180 
HOH O      O  N N 181 
HOH H1     H  N N 182 
HOH H2     H  N N 183 
MG  MG     MG N N 184 
# 
loop_
_chem_comp_bond.comp_id 
_chem_comp_bond.atom_id_1 
_chem_comp_bond.atom_id_2 
_chem_comp_bond.value_order 
_chem_comp_bond.pdbx_aromatic_flag 
_chem_comp_bond.pdbx_stereo_config 
_chem_comp_bond.pdbx_ordinal 
5CM N1    C2     sing N N 1   
5CM N1    C6     sing N N 2   
5CM N1    "C1'"  sing N N 3   
5CM C2    N3     sing N N 4   
5CM C2    O2     doub N N 5   
5CM N3    C4     doub N N 6   
5CM C4    C5     sing N N 7   
5CM C4    N4     sing N N 8   
5CM C5    C5A    sing N N 9   
5CM C5    C6     doub N N 10  
5CM C5A   H5A1   sing N N 11  
5CM C5A   H5A2   sing N N 12  
5CM C5A   H5A3   sing N N 13  
5CM C6    H6     sing N N 14  
5CM N4    HN41   sing N N 15  
5CM N4    HN42   sing N N 16  
5CM "C1'" "C2'"  sing N N 17  
5CM "C1'" "O4'"  sing N N 18  
5CM "C1'" "H1'"  sing N N 19  
5CM "C2'" "C3'"  sing N N 20  
5CM "C2'" "H2'"  sing N N 21  
5CM "C2'" "H2''" sing N N 22  
5CM "C3'" "C4'"  sing N N 23  
5CM "C3'" "O3'"  sing N N 24  
5CM "C3'" "H3'"  sing N N 25  
5CM "C4'" "O4'"  sing N N 26  
5CM "C4'" "C5'"  sing N N 27  
5CM "C4'" "H4'"  sing N N 28  
5CM "O3'" "HO3'" sing N N 29  
5CM "C5'" "O5'"  sing N N 30  
5CM "C5'" "H5'"  sing N N 31  
5CM "C5'" "H5''" sing N N 32  
5CM "O5'" P      sing N N 33  
5CM P     OP1    doub N N 34  
5CM P     OP2    sing N N 35  
5CM P     OP3    sing N N 36  
5CM OP2   HOP2   sing N N 37  
5CM OP3   HOP3   sing N N 38  
DA  OP3   P      sing N N 39  
DA  OP3   HOP3   sing N N 40  
DA  P     OP1    doub N N 41  
DA  P     OP2    sing N N 42  
DA  P     "O5'"  sing N N 43  
DA  OP2   HOP2   sing N N 44  
DA  "O5'" "C5'"  sing N N 45  
DA  "C5'" "C4'"  sing N N 46  
DA  "C5'" "H5'"  sing N N 47  
DA  "C5'" "H5''" sing N N 48  
DA  "C4'" "O4'"  sing N N 49  
DA  "C4'" "C3'"  sing N N 50  
DA  "C4'" "H4'"  sing N N 51  
DA  "O4'" "C1'"  sing N N 52  
DA  "C3'" "O3'"  sing N N 53  
DA  "C3'" "C2'"  sing N N 54  
DA  "C3'" "H3'"  sing N N 55  
DA  "O3'" "HO3'" sing N N 56  
DA  "C2'" "C1'"  sing N N 57  
DA  "C2'" "H2'"  sing N N 58  
DA  "C2'" "H2''" sing N N 59  
DA  "C1'" N9     sing N N 60  
DA  "C1'" "H1'"  sing N N 61  
DA  N9    C8     sing Y N 62  
DA  N9    C4     sing Y N 63  
DA  C8    N7     doub Y N 64  
DA  C8    H8     sing N N 65  
DA  N7    C5     sing Y N 66  
DA  C5    C6     sing Y N 67  
DA  C5    C4     doub Y N 68  
DA  C6    N6     sing N N 69  
DA  C6    N1     doub Y N 70  
DA  N6    H61    sing N N 71  
DA  N6    H62    sing N N 72  
DA  N1    C2     sing Y N 73  
DA  C2    N3     doub Y N 74  
DA  C2    H2     sing N N 75  
DA  N3    C4     sing Y N 76  
DC  OP3   P      sing N N 77  
DC  OP3   HOP3   sing N N 78  
DC  P     OP1    doub N N 79  
DC  P     OP2    sing N N 80  
DC  P     "O5'"  sing N N 81  
DC  OP2   HOP2   sing N N 82  
DC  "O5'" "C5'"  sing N N 83  
DC  "C5'" "C4'"  sing N N 84  
DC  "C5'" "H5'"  sing N N 85  
DC  "C5'" "H5''" sing N N 86  
DC  "C4'" "O4'"  sing N N 87  
DC  "C4'" "C3'"  sing N N 88  
DC  "C4'" "H4'"  sing N N 89  
DC  "O4'" "C1'"  sing N N 90  
DC  "C3'" "O3'"  sing N N 91  
DC  "C3'" "C2'"  sing N N 92  
DC  "C3'" "H3'"  sing N N 93  
DC  "O3'" "HO3'" sing N N 94  
DC  "C2'" "C1'"  sing N N 95  
DC  "C2'" "H2'"  sing N N 96  
DC  "C2'" "H2''" sing N N 97  
DC  "C1'" N1     sing N N 98  
DC  "C1'" "H1'"  sing N N 99  
DC  N1    C2     sing N N 100 
DC  N1    C6     sing N N 101 
DC  C2    O2     doub N N 102 
DC  C2    N3     sing N N 103 
DC  N3    C4     doub N N 104 
DC  C4    N4     sing N N 105 
DC  C4    C5     sing N N 106 
DC  N4    H41    sing N N 107 
DC  N4    H42    sing N N 108 
DC  C5    C6     doub N N 109 
DC  C5    H5     sing N N 110 
DC  C6    H6     sing N N 111 
DG  OP3   P      sing N N 112 
DG  OP3   HOP3   sing N N 113 
DG  P     OP1    doub N N 114 
DG  P     OP2    sing N N 115 
DG  P     "O5'"  sing N N 116 
DG  OP2   HOP2   sing N N 117 
DG  "O5'" "C5'"  sing N N 118 
DG  "C5'" "C4'"  sing N N 119 
DG  "C5'" "H5'"  sing N N 120 
DG  "C5'" "H5''" sing N N 121 
DG  "C4'" "O4'"  sing N N 122 
DG  "C4'" "C3'"  sing N N 123 
DG  "C4'" "H4'"  sing N N 124 
DG  "O4'" "C1'"  sing N N 125 
DG  "C3'" "O3'"  sing N N 126 
DG  "C3'" "C2'"  sing N N 127 
DG  "C3'" "H3'"  sing N N 128 
DG  "O3'" "HO3'" sing N N 129 
DG  "C2'" "C1'"  sing N N 130 
DG  "C2'" "H2'"  sing N N 131 
DG  "C2'" "H2''" sing N N 132 
DG  "C1'" N9     sing N N 133 
DG  "C1'" "H1'"  sing N N 134 
DG  N9    C8     sing Y N 135 
DG  N9    C4     sing Y N 136 
DG  C8    N7     doub Y N 137 
DG  C8    H8     sing N N 138 
DG  N7    C5     sing Y N 139 
DG  C5    C6     sing N N 140 
DG  C5    C4     doub Y N 141 
DG  C6    O6     doub N N 142 
DG  C6    N1     sing N N 143 
DG  N1    C2     sing N N 144 
DG  N1    H1     sing N N 145 
DG  C2    N2     sing N N 146 
DG  C2    N3     doub N N 147 
DG  N2    H21    sing N N 148 
DG  N2    H22    sing N N 149 
DG  N3    C4     sing N N 150 
DT  OP3   P      sing N N 151 
DT  OP3   HOP3   sing N N 152 
DT  P     OP1    doub N N 153 
DT  P     OP2    sing N N 154 
DT  P     "O5'"  sing N N 155 
DT  OP2   HOP2   sing N N 156 
DT  "O5'" "C5'"  sing N N 157 
DT  "C5'" "C4'"  sing N N 158 
DT  "C5'" "H5'"  sing N N 159 
DT  "C5'" "H5''" sing N N 160 
DT  "C4'" "O4'"  sing N N 161 
DT  "C4'" "C3'"  sing N N 162 
DT  "C4'" "H4'"  sing N N 163 
DT  "O4'" "C1'"  sing N N 164 
DT  "C3'" "O3'"  sing N N 165 
DT  "C3'" "C2'"  sing N N 166 
DT  "C3'" "H3'"  sing N N 167 
DT  "O3'" "HO3'" sing N N 168 
DT  "C2'" "C1'"  sing N N 169 
DT  "C2'" "H2'"  sing N N 170 
DT  "C2'" "H2''" sing N N 171 
DT  "C1'" N1     sing N N 172 
DT  "C1'" "H1'"  sing N N 173 
DT  N1    C2     sing N N 174 
DT  N1    C6     sing N N 175 
DT  C2    O2     doub N N 176 
DT  C2    N3     sing N N 177 
DT  N3    C4     sing N N 178 
DT  N3    H3     sing N N 179 
DT  C4    O4     doub N N 180 
DT  C4    C5     sing N N 181 
DT  C5    C7     sing N N 182 
DT  C5    C6     doub N N 183 
DT  C7    H71    sing N N 184 
DT  C7    H72    sing N N 185 
DT  C7    H73    sing N N 186 
DT  C6    H6     sing N N 187 
HOH O     H1     sing N N 188 
HOH O     H2     sing N N 189 
# 
loop_
_ndb_struct_conf_na.entry_id 
_ndb_struct_conf_na.feature 
265D 'double helix'        
265D 'b-form double helix' 
# 
loop_
_ndb_struct_na_base_pair.model_number 
_ndb_struct_na_base_pair.i_label_asym_id 
_ndb_struct_na_base_pair.i_label_comp_id 
_ndb_struct_na_base_pair.i_label_seq_id 
_ndb_struct_na_base_pair.i_symmetry 
_ndb_struct_na_base_pair.j_label_asym_id 
_ndb_struct_na_base_pair.j_label_comp_id 
_ndb_struct_na_base_pair.j_label_seq_id 
_ndb_struct_na_base_pair.j_symmetry 
_ndb_struct_na_base_pair.shear 
_ndb_struct_na_base_pair.stretch 
_ndb_struct_na_base_pair.stagger 
_ndb_struct_na_base_pair.buckle 
_ndb_struct_na_base_pair.propeller 
_ndb_struct_na_base_pair.opening 
_ndb_struct_na_base_pair.pair_number 
_ndb_struct_na_base_pair.pair_name 
_ndb_struct_na_base_pair.i_auth_asym_id 
_ndb_struct_na_base_pair.i_auth_seq_id 
_ndb_struct_na_base_pair.i_PDB_ins_code 
_ndb_struct_na_base_pair.j_auth_asym_id 
_ndb_struct_na_base_pair.j_auth_seq_id 
_ndb_struct_na_base_pair.j_PDB_ins_code 
_ndb_struct_na_base_pair.hbond_type_28 
_ndb_struct_na_base_pair.hbond_type_12 
1 A DC  1  1_555 B DG  12 1_555 0.280  -0.268 0.320  3.946  -14.870 -1.868 1  A_DC1:DG24_B   A 1  ? B 24 ? 19 1 
1 A DG  2  1_555 B DC  11 1_555 -0.440 -0.376 0.203  4.691  -15.021 -3.560 2  A_DG2:DC23_B   A 2  ? B 23 ? 19 1 
1 A 5CM 3  1_555 B DG  10 1_555 -0.534 -0.265 0.026  -0.745 -4.878  -6.437 3  A_5CM3:DG22_B  A 3  ? B 22 ? 19 1 
1 A DG  4  1_555 B 5CM 9  1_555 -0.374 -0.348 -0.003 12.107 -6.968  2.694  4  A_DG4:5CM21_B  A 4  ? B 21 ? 19 1 
1 A DA  5  1_555 B DT  8  1_555 -0.092 -0.212 0.562  14.440 -17.655 3.800  5  A_DA5:DT20_B   A 5  ? B 20 ? 20 1 
1 A DA  6  1_555 B DT  7  1_555 0.324  -0.178 0.481  2.648  -15.991 4.283  6  A_DA6:DT19_B   A 6  ? B 19 ? 20 1 
1 A DT  7  1_555 B DA  6  1_555 -0.419 -0.357 0.269  1.192  -19.006 0.566  7  A_DT7:DA18_B   A 7  ? B 18 ? 20 1 
1 A DT  8  1_555 B DA  5  1_555 -0.215 -0.061 0.106  1.022  -10.732 8.010  8  A_DT8:DA17_B   A 8  ? B 17 ? 20 1 
1 A 5CM 9  1_555 B DG  4  1_555 0.091  -0.297 -0.018 -8.072 -8.820  -2.517 9  A_5CM9:DG16_B  A 9  ? B 16 ? 19 1 
1 A DG  10 1_555 B 5CM 3  1_555 0.102  -0.231 0.427  10.860 -5.637  -0.606 10 A_DG10:5CM15_B A 10 ? B 15 ? 19 1 
1 A DC  11 1_555 B DG  2  1_555 -0.185 -0.401 0.389  1.536  -12.813 -8.251 11 A_DC11:DG14_B  A 11 ? B 14 ? 19 1 
1 A DG  12 1_555 B DC  1  1_555 0.319  -0.328 0.825  20.303 -3.178  -8.476 12 A_DG12:DC13_B  A 12 ? B 13 ? 19 1 
# 
loop_
_ndb_struct_na_base_pair_step.model_number 
_ndb_struct_na_base_pair_step.i_label_asym_id_1 
_ndb_struct_na_base_pair_step.i_label_comp_id_1 
_ndb_struct_na_base_pair_step.i_label_seq_id_1 
_ndb_struct_na_base_pair_step.i_symmetry_1 
_ndb_struct_na_base_pair_step.j_label_asym_id_1 
_ndb_struct_na_base_pair_step.j_label_comp_id_1 
_ndb_struct_na_base_pair_step.j_label_seq_id_1 
_ndb_struct_na_base_pair_step.j_symmetry_1 
_ndb_struct_na_base_pair_step.i_label_asym_id_2 
_ndb_struct_na_base_pair_step.i_label_comp_id_2 
_ndb_struct_na_base_pair_step.i_label_seq_id_2 
_ndb_struct_na_base_pair_step.i_symmetry_2 
_ndb_struct_na_base_pair_step.j_label_asym_id_2 
_ndb_struct_na_base_pair_step.j_label_comp_id_2 
_ndb_struct_na_base_pair_step.j_label_seq_id_2 
_ndb_struct_na_base_pair_step.j_symmetry_2 
_ndb_struct_na_base_pair_step.shift 
_ndb_struct_na_base_pair_step.slide 
_ndb_struct_na_base_pair_step.rise 
_ndb_struct_na_base_pair_step.tilt 
_ndb_struct_na_base_pair_step.roll 
_ndb_struct_na_base_pair_step.twist 
_ndb_struct_na_base_pair_step.x_displacement 
_ndb_struct_na_base_pair_step.y_displacement 
_ndb_struct_na_base_pair_step.helical_rise 
_ndb_struct_na_base_pair_step.inclination 
_ndb_struct_na_base_pair_step.tip 
_ndb_struct_na_base_pair_step.helical_twist 
_ndb_struct_na_base_pair_step.step_number 
_ndb_struct_na_base_pair_step.step_name 
_ndb_struct_na_base_pair_step.i_auth_asym_id_1 
_ndb_struct_na_base_pair_step.i_auth_seq_id_1 
_ndb_struct_na_base_pair_step.i_PDB_ins_code_1 
_ndb_struct_na_base_pair_step.j_auth_asym_id_1 
_ndb_struct_na_base_pair_step.j_auth_seq_id_1 
_ndb_struct_na_base_pair_step.j_PDB_ins_code_1 
_ndb_struct_na_base_pair_step.i_auth_asym_id_2 
_ndb_struct_na_base_pair_step.i_auth_seq_id_2 
_ndb_struct_na_base_pair_step.i_PDB_ins_code_2 
_ndb_struct_na_base_pair_step.j_auth_asym_id_2 
_ndb_struct_na_base_pair_step.j_auth_seq_id_2 
_ndb_struct_na_base_pair_step.j_PDB_ins_code_2 
1 A DC  1  1_555 B DG  12 1_555 A DG  2  1_555 B DC  11 1_555 -0.396 0.134  3.218 -0.759 7.282  33.526 -0.905 0.553  3.185 12.440  
1.296  34.294 1  AA_DC1DG2:DC23DG24_BB    A 1  ? B 24 ? A 2  ? B 23 ? 
1 A DG  2  1_555 B DC  11 1_555 A 5CM 3  1_555 B DG  10 1_555 0.395  0.337  3.508 4.111  -9.704 40.373 1.568  -0.092 3.365 -13.779 
-5.837 41.670 2  AA_DG25CM3:DG22DC23_BB   A 2  ? B 23 ? A 3  ? B 22 ? 
1 A 5CM 3  1_555 B DG  10 1_555 A DG  4  1_555 B 5CM 9  1_555 0.528  0.611  3.029 1.977  10.260 25.520 -1.151 -0.640 3.071 22.082  
-4.255 27.543 3  AA_5CM3DG4:5CM21DG22_BB  A 3  ? B 22 ? A 4  ? B 21 ? 
1 A DG  4  1_555 B 5CM 9  1_555 A DA  5  1_555 B DT  8  1_555 -0.248 -0.320 3.138 -5.155 1.218  38.438 -0.626 -0.233 3.133 1.839   
7.785  38.787 4  AA_DG4DA5:DT205CM21_BB   A 4  ? B 21 ? A 5  ? B 20 ? 
1 A DA  5  1_555 B DT  8  1_555 A DA  6  1_555 B DT  7  1_555 0.020  -0.293 3.479 0.932  -3.891 40.595 0.038  0.081  3.490 -5.592  
-1.339 40.783 5  AA_DA5DA6:DT19DT20_BB    A 5  ? B 20 ? A 6  ? B 19 ? 
1 A DA  6  1_555 B DT  7  1_555 A DT  7  1_555 B DA  6  1_555 0.063  -0.713 3.196 2.888  0.475  30.280 -1.451 0.445  3.177 0.906   
-5.513 30.417 6  AA_DA6DT7:DA18DT19_BB    A 6  ? B 19 ? A 7  ? B 18 ? 
1 A DT  7  1_555 B DA  6  1_555 A DT  8  1_555 B DA  5  1_555 0.147  -0.237 3.223 1.590  -4.736 36.284 0.267  -0.018 3.231 -7.561  
-2.538 36.615 7  AA_DT7DT8:DA17DA18_BB    A 7  ? B 18 ? A 8  ? B 17 ? 
1 A DT  8  1_555 B DA  5  1_555 A 5CM 9  1_555 B DG  4  1_555 -0.202 -0.089 3.538 1.740  2.343  40.514 -0.410 0.500  3.516 3.378   
-2.509 40.615 8  AA_DT85CM9:DG16DA17_BB   A 8  ? B 17 ? A 9  ? B 16 ? 
1 A 5CM 9  1_555 B DG  4  1_555 A DG  10 1_555 B 5CM 3  1_555 0.461  0.440  2.911 -5.737 -2.098 28.344 1.284  -2.025 2.728 -4.222  
11.547 28.981 9  AA_5CM9DG10:5CM15DG16_BB A 9  ? B 16 ? A 10 ? B 15 ? 
1 A DG  10 1_555 B 5CM 3  1_555 A DC  11 1_555 B DG  2  1_555 -1.280 0.298  3.609 -1.919 -7.665 37.624 1.508  1.681  3.542 -11.726 
2.936  38.416 10 AA_DG10DC11:DG145CM15_BB A 10 ? B 15 ? A 11 ? B 14 ? 
1 A DC  11 1_555 B DG  2  1_555 A DG  12 1_555 B DC  1  1_555 0.219  -0.073 2.888 -2.627 1.152  40.092 -0.222 -0.582 2.865 1.677   
3.827  40.191 11 AA_DC11DG12:DC13DG14_BB  A 11 ? B 14 ? A 12 ? B 13 ? 
# 
_atom_sites.entry_id                    265D 
_atom_sites.fract_transf_matrix[1][1]   -0.01366858 
_atom_sites.fract_transf_matrix[1][2]   -0.03334529 
_atom_sites.fract_transf_matrix[1][3]   -0.01575152 
_atom_sites.fract_transf_matrix[2][1]   -0.01976299 
_atom_sites.fract_transf_matrix[2][2]   0.00112566 
_atom_sites.fract_transf_matrix[2][3]   0.01476817 
_atom_sites.fract_transf_matrix[3][1]   -0.00748131 
_atom_sites.fract_transf_matrix[3][2]   0.00808808 
_atom_sites.fract_transf_matrix[3][3]   -0.01062913 
_atom_sites.fract_transf_vector[1]      0.585258 
_atom_sites.fract_transf_vector[2]      0.522783 
_atom_sites.fract_transf_vector[3]      0.129252 
# 
loop_
_atom_type.symbol 
C  
MG 
N  
O  
P  
# 
loop_
_atom_site.group_PDB 
_atom_site.id 
_atom_site.type_symbol 
_atom_site.label_atom_id 
_atom_site.label_alt_id 
_atom_site.label_comp_id 
_atom_site.label_asym_id 
_atom_site.label_entity_id 
_atom_site.label_seq_id 
_atom_site.pdbx_PDB_ins_code 
_atom_site.Cartn_x 
_atom_site.Cartn_y 
_atom_site.Cartn_z 
_atom_site.occupancy 
_atom_site.B_iso_or_equiv 
_atom_site.pdbx_formal_charge 
_atom_site.auth_seq_id 
_atom_site.auth_comp_id 
_atom_site.auth_asym_id 
_atom_site.auth_atom_id 
_atom_site.pdbx_PDB_model_num 
ATOM   1   O  "O5'" . DC  A 1 1  ? -20.825 4.576   -4.754  1.00 29.10 ? 1   DC  A "O5'" 1 
ATOM   2   C  "C5'" . DC  A 1 1  ? -19.402 4.617   -4.736  1.00 40.70 ? 1   DC  A "C5'" 1 
ATOM   3   C  "C4'" . DC  A 1 1  ? -18.773 3.744   -5.777  1.00 22.09 ? 1   DC  A "C4'" 1 
ATOM   4   O  "O4'" . DC  A 1 1  ? -18.027 4.493   -6.664  1.00 19.10 ? 1   DC  A "O4'" 1 
ATOM   5   C  "C3'" . DC  A 1 1  ? -17.712 2.810   -5.202  1.00 23.81 ? 1   DC  A "C3'" 1 
ATOM   6   O  "O3'" . DC  A 1 1  ? -17.462 1.742   -6.078  1.00 57.21 ? 1   DC  A "O3'" 1 
ATOM   7   C  "C2'" . DC  A 1 1  ? -16.600 3.873   -5.053  1.00 16.18 ? 1   DC  A "C2'" 1 
ATOM   8   C  "C1'" . DC  A 1 1  ? -16.593 4.358   -6.543  1.00 22.89 ? 1   DC  A "C1'" 1 
ATOM   9   N  N1    . DC  A 1 1  ? -15.730 5.491   -6.693  1.00 11.73 ? 1   DC  A N1    1 
ATOM   10  C  C2    . DC  A 1 1  ? -15.003 5.707   -7.877  1.00 18.11 ? 1   DC  A C2    1 
ATOM   11  O  O2    . DC  A 1 1  ? -15.054 5.030   -8.883  1.00 25.76 ? 1   DC  A O2    1 
ATOM   12  N  N3    . DC  A 1 1  ? -14.184 6.782   -7.994  1.00 9.72  ? 1   DC  A N3    1 
ATOM   13  C  C4    . DC  A 1 1  ? -14.047 7.680   -6.993  1.00 32.92 ? 1   DC  A C4    1 
ATOM   14  N  N4    . DC  A 1 1  ? -13.227 8.721   -7.145  1.00 27.27 ? 1   DC  A N4    1 
ATOM   15  C  C5    . DC  A 1 1  ? -14.750 7.468   -5.756  1.00 34.45 ? 1   DC  A C5    1 
ATOM   16  C  C6    . DC  A 1 1  ? -15.534 6.357   -5.664  1.00 15.50 ? 1   DC  A C6    1 
ATOM   17  P  P     . DG  A 1 2  ? -17.199 0.202   -5.629  1.00 54.78 ? 2   DG  A P     1 
ATOM   18  O  OP1   . DG  A 1 2  ? -18.518 -0.248  -5.071  1.00 61.13 ? 2   DG  A OP1   1 
ATOM   19  O  OP2   . DG  A 1 2  ? -15.985 0.254   -4.807  1.00 47.10 ? 2   DG  A OP2   1 
ATOM   20  O  "O5'" . DG  A 1 2  ? -16.917 -0.619  -7.026  1.00 28.68 ? 2   DG  A "O5'" 1 
ATOM   21  C  "C5'" . DG  A 1 2  ? -16.505 0.196   -8.126  1.00 26.97 ? 2   DG  A "C5'" 1 
ATOM   22  C  "C4'" . DG  A 1 2  ? -15.156 -0.361  -8.540  1.00 25.37 ? 2   DG  A "C4'" 1 
ATOM   23  O  "O4'" . DG  A 1 2  ? -14.371 0.821   -8.691  1.00 31.61 ? 2   DG  A "O4'" 1 
ATOM   24  C  "C3'" . DG  A 1 2  ? -14.286 -1.239  -7.647  1.00 37.44 ? 2   DG  A "C3'" 1 
ATOM   25  O  "O3'" . DG  A 1 2  ? -13.514 -2.094  -8.446  1.00 52.92 ? 2   DG  A "O3'" 1 
ATOM   26  C  "C2'" . DG  A 1 2  ? -13.354 -0.304  -6.905  1.00 32.60 ? 2   DG  A "C2'" 1 
ATOM   27  C  "C1'" . DG  A 1 2  ? -13.119 0.681   -8.033  1.00 17.08 ? 2   DG  A "C1'" 1 
ATOM   28  N  N9    . DG  A 1 2  ? -12.728 2.000   -7.502  1.00 17.84 ? 2   DG  A N9    1 
ATOM   29  C  C8    . DG  A 1 2  ? -13.140 2.555   -6.281  1.00 8.20  ? 2   DG  A C8    1 
ATOM   30  N  N7    . DG  A 1 2  ? -12.673 3.707   -5.969  1.00 13.40 ? 2   DG  A N7    1 
ATOM   31  C  C5    . DG  A 1 2  ? -11.925 3.990   -7.155  1.00 5.34  ? 2   DG  A C5    1 
ATOM   32  C  C6    . DG  A 1 2  ? -11.200 5.164   -7.533  1.00 11.43 ? 2   DG  A C6    1 
ATOM   33  O  O6    . DG  A 1 2  ? -11.079 6.122   -6.740  1.00 8.40  ? 2   DG  A O6    1 
ATOM   34  N  N1    . DG  A 1 2  ? -10.618 5.145   -8.805  1.00 8.88  ? 2   DG  A N1    1 
ATOM   35  C  C2    . DG  A 1 2  ? -10.753 3.992   -9.568  1.00 6.36  ? 2   DG  A C2    1 
ATOM   36  N  N2    . DG  A 1 2  ? -10.152 3.937   -10.758 1.00 14.52 ? 2   DG  A N2    1 
ATOM   37  N  N3    . DG  A 1 2  ? -11.456 2.855   -9.299  1.00 8.96  ? 2   DG  A N3    1 
ATOM   38  C  C4    . DG  A 1 2  ? -11.993 2.952   -8.048  1.00 5.71  ? 2   DG  A C4    1 
HETATM 39  N  N1    . 5CM A 1 3  ? -8.844  0.466   -8.317  1.00 17.94 ? 3   5CM A N1    1 
HETATM 40  C  C2    . 5CM A 1 3  ? -8.315  1.763   -8.323  1.00 13.08 ? 3   5CM A C2    1 
HETATM 41  N  N3    . 5CM A 1 3  ? -8.430  2.519   -7.207  1.00 17.55 ? 3   5CM A N3    1 
HETATM 42  C  C4    . 5CM A 1 3  ? -9.057  2.053   -6.095  1.00 21.53 ? 3   5CM A C4    1 
HETATM 43  C  C5    . 5CM A 1 3  ? -9.548  0.734   -6.075  1.00 26.15 ? 3   5CM A C5    1 
HETATM 44  C  C5A   . 5CM A 1 3  ? -10.219 0.090   -4.879  1.00 26.62 ? 3   5CM A C5A   1 
HETATM 45  C  C6    . 5CM A 1 3  ? -9.426  -0.026  -7.182  1.00 20.93 ? 3   5CM A C6    1 
HETATM 46  O  O2    . 5CM A 1 3  ? -7.767  2.143   -9.352  1.00 20.31 ? 3   5CM A O2    1 
HETATM 47  N  N4    . 5CM A 1 3  ? -9.163  2.843   -4.976  1.00 23.71 ? 3   5CM A N4    1 
HETATM 48  C  "C1'" . 5CM A 1 3  ? -8.751  -0.431  -9.470  1.00 17.79 ? 3   5CM A "C1'" 1 
HETATM 49  C  "C2'" . 5CM A 1 3  ? -8.305  -1.858  -9.091  1.00 17.87 ? 3   5CM A "C2'" 1 
HETATM 50  C  "C3'" . 5CM A 1 3  ? -8.855  -2.657  -10.272 1.00 22.31 ? 3   5CM A "C3'" 1 
HETATM 51  C  "C4'" . 5CM A 1 3  ? -10.087 -1.849  -10.737 1.00 47.67 ? 3   5CM A "C4'" 1 
HETATM 52  O  "O4'" . 5CM A 1 3  ? -10.047 -0.605  -10.054 1.00 30.56 ? 3   5CM A "O4'" 1 
HETATM 53  O  "O3'" . 5CM A 1 3  ? -7.936  -2.842  -11.351 1.00 35.06 ? 3   5CM A "O3'" 1 
HETATM 54  C  "C5'" . 5CM A 1 3  ? -11.434 -2.535  -10.510 1.00 35.88 ? 3   5CM A "C5'" 1 
HETATM 55  O  "O5'" . 5CM A 1 3  ? -11.464 -3.219  -9.259  1.00 41.67 ? 3   5CM A "O5'" 1 
HETATM 56  P  P     . 5CM A 1 3  ? -12.808 -3.498  -8.403  1.00 41.73 ? 3   5CM A P     1 
HETATM 57  O  OP1   . 5CM A 1 3  ? -13.623 -4.559  -9.060  1.00 68.34 ? 3   5CM A OP1   1 
HETATM 58  O  OP2   . 5CM A 1 3  ? -12.470 -3.790  -6.980  1.00 50.55 ? 3   5CM A OP2   1 
ATOM   59  P  P     . DG  A 1 4  ? -6.740  -3.948  -11.096 1.00 31.15 ? 4   DG  A P     1 
ATOM   60  O  OP1   . DG  A 1 4  ? -6.855  -5.070  -11.991 1.00 48.32 ? 4   DG  A OP1   1 
ATOM   61  O  OP2   . DG  A 1 4  ? -6.957  -4.290  -9.632  1.00 36.94 ? 4   DG  A OP2   1 
ATOM   62  O  "O5'" . DG  A 1 4  ? -5.470  -3.034  -11.239 1.00 29.19 ? 4   DG  A "O5'" 1 
ATOM   63  C  "C5'" . DG  A 1 4  ? -5.408  -1.799  -11.894 1.00 19.79 ? 4   DG  A "C5'" 1 
ATOM   64  C  "C4'" . DG  A 1 4  ? -4.169  -1.205  -11.215 1.00 12.67 ? 4   DG  A "C4'" 1 
ATOM   65  O  "O4'" . DG  A 1 4  ? -4.719  -0.472  -10.165 1.00 26.58 ? 4   DG  A "O4'" 1 
ATOM   66  C  "C3'" . DG  A 1 4  ? -3.112  -2.069  -10.528 1.00 25.51 ? 4   DG  A "C3'" 1 
ATOM   67  O  "O3'" . DG  A 1 4  ? -1.885  -1.470  -10.747 1.00 29.68 ? 4   DG  A "O3'" 1 
ATOM   68  C  "C2'" . DG  A 1 4  ? -3.368  -2.032  -9.031  1.00 7.42  ? 4   DG  A "C2'" 1 
ATOM   69  C  "C1'" . DG  A 1 4  ? -3.906  -0.602  -9.040  1.00 27.57 ? 4   DG  A "C1'" 1 
ATOM   70  N  N9    . DG  A 1 4  ? -4.734  -0.358  -7.885  1.00 13.09 ? 4   DG  A N9    1 
ATOM   71  C  C8    . DG  A 1 4  ? -5.426  -1.294  -7.162  1.00 8.85  ? 4   DG  A C8    1 
ATOM   72  N  N7    . DG  A 1 4  ? -5.974  -0.729  -6.063  1.00 20.18 ? 4   DG  A N7    1 
ATOM   73  C  C5    . DG  A 1 4  ? -5.597  0.620   -6.102  1.00 14.98 ? 4   DG  A C5    1 
ATOM   74  C  C6    . DG  A 1 4  ? -5.914  1.696   -5.267  1.00 11.34 ? 4   DG  A C6    1 
ATOM   75  O  O6    . DG  A 1 4  ? -6.611  1.589   -4.227  1.00 30.26 ? 4   DG  A O6    1 
ATOM   76  N  N1    . DG  A 1 4  ? -5.299  2.898   -5.566  1.00 16.66 ? 4   DG  A N1    1 
ATOM   77  C  C2    . DG  A 1 4  ? -4.527  2.979   -6.677  1.00 9.70  ? 4   DG  A C2    1 
ATOM   78  N  N2    . DG  A 1 4  ? -4.019  4.214   -6.980  1.00 13.18 ? 4   DG  A N2    1 
ATOM   79  N  N3    . DG  A 1 4  ? -4.253  2.026   -7.586  1.00 18.10 ? 4   DG  A N3    1 
ATOM   80  C  C4    . DG  A 1 4  ? -4.813  0.861   -7.203  1.00 19.51 ? 4   DG  A C4    1 
ATOM   81  P  P     . DA  A 1 5  ? -0.353  -1.780  -10.771 1.00 47.24 ? 5   DA  A P     1 
ATOM   82  O  OP1   . DA  A 1 5  ? 0.009   -2.286  -12.165 1.00 40.20 ? 5   DA  A OP1   1 
ATOM   83  O  OP2   . DA  A 1 5  ? -0.224  -2.729  -9.618  1.00 27.48 ? 5   DA  A OP2   1 
ATOM   84  O  "O5'" . DA  A 1 5  ? 0.441   -0.426  -10.753 1.00 13.29 ? 5   DA  A "O5'" 1 
ATOM   85  C  "C5'" . DA  A 1 5  ? 0.225   0.861   -11.201 1.00 27.33 ? 5   DA  A "C5'" 1 
ATOM   86  C  "C4'" . DA  A 1 5  ? 0.479   1.714   -9.951  1.00 42.22 ? 5   DA  A "C4'" 1 
ATOM   87  O  "O4'" . DA  A 1 5  ? -0.462  1.393   -8.958  1.00 18.17 ? 5   DA  A "O4'" 1 
ATOM   88  C  "C3'" . DA  A 1 5  ? 1.876   1.541   -9.287  1.00 31.76 ? 5   DA  A "C3'" 1 
ATOM   89  O  "O3'" . DA  A 1 5  ? 2.701   2.599   -9.740  1.00 44.67 ? 5   DA  A "O3'" 1 
ATOM   90  C  "C2'" . DA  A 1 5  ? 1.563   1.503   -7.806  1.00 34.93 ? 5   DA  A "C2'" 1 
ATOM   91  C  "C1'" . DA  A 1 5  ? 0.152   1.948   -7.745  1.00 2.81  ? 5   DA  A "C1'" 1 
ATOM   92  N  N9    . DA  A 1 5  ? -0.663  1.293   -6.767  1.00 10.39 ? 5   DA  A N9    1 
ATOM   93  C  C8    . DA  A 1 5  ? -1.060  -0.038  -6.860  1.00 2.00  ? 5   DA  A C8    1 
ATOM   94  N  N7    . DA  A 1 5  ? -1.851  -0.386  -5.833  1.00 12.21 ? 5   DA  A N7    1 
ATOM   95  C  C5    . DA  A 1 5  ? -2.000  0.816   -5.088  1.00 21.27 ? 5   DA  A C5    1 
ATOM   96  C  C6    . DA  A 1 5  ? -2.697  1.122   -3.885  1.00 16.98 ? 5   DA  A C6    1 
ATOM   97  N  N6    . DA  A 1 5  ? -3.420  0.246   -3.186  1.00 11.10 ? 5   DA  A N6    1 
ATOM   98  N  N1    . DA  A 1 5  ? -2.551  2.390   -3.521  1.00 15.12 ? 5   DA  A N1    1 
ATOM   99  C  C2    . DA  A 1 5  ? -1.882  3.366   -4.142  1.00 12.32 ? 5   DA  A C2    1 
ATOM   100 N  N3    . DA  A 1 5  ? -1.226  3.133   -5.272  1.00 14.41 ? 5   DA  A N3    1 
ATOM   101 C  C4    . DA  A 1 5  ? -1.321  1.847   -5.693  1.00 12.81 ? 5   DA  A C4    1 
ATOM   102 P  P     . DA  A 1 6  ? 4.123   3.132   -9.253  1.00 40.94 ? 6   DA  A P     1 
ATOM   103 O  OP1   . DA  A 1 6  ? 4.634   4.246   -10.129 1.00 41.29 ? 6   DA  A OP1   1 
ATOM   104 O  OP2   . DA  A 1 6  ? 4.888   1.876   -9.148  1.00 34.23 ? 6   DA  A OP2   1 
ATOM   105 O  "O5'" . DA  A 1 6  ? 3.785   3.815   -7.847  1.00 45.00 ? 6   DA  A "O5'" 1 
ATOM   106 C  "C5'" . DA  A 1 6  ? 3.574   5.190   -7.659  1.00 11.24 ? 6   DA  A "C5'" 1 
ATOM   107 C  "C4'" . DA  A 1 6  ? 3.333   5.403   -6.169  1.00 18.40 ? 6   DA  A "C4'" 1 
ATOM   108 O  "O4'" . DA  A 1 6  ? 2.333   4.551   -5.663  1.00 12.83 ? 6   DA  A "O4'" 1 
ATOM   109 C  "C3'" . DA  A 1 6  ? 4.633   5.166   -5.373  1.00 17.33 ? 6   DA  A "C3'" 1 
ATOM   110 O  "O3'" . DA  A 1 6  ? 4.963   6.436   -4.799  1.00 17.72 ? 6   DA  A "O3'" 1 
ATOM   111 C  "C2'" . DA  A 1 6  ? 4.244   4.010   -4.485  1.00 26.45 ? 6   DA  A "C2'" 1 
ATOM   112 C  "C1'" . DA  A 1 6  ? 2.751   4.123   -4.325  1.00 6.01  ? 6   DA  A "C1'" 1 
ATOM   113 N  N9    . DA  A 1 6  ? 2.136   2.864   -4.003  1.00 5.58  ? 6   DA  A N9    1 
ATOM   114 C  C8    . DA  A 1 6  ? 2.377   1.721   -4.724  1.00 5.95  ? 6   DA  A C8    1 
ATOM   115 N  N7    . DA  A 1 6  ? 1.675   0.676   -4.310  1.00 8.19  ? 6   DA  A N7    1 
ATOM   116 C  C5    . DA  A 1 6  ? 1.046   1.136   -3.150  1.00 10.49 ? 6   DA  A C5    1 
ATOM   117 C  C6    . DA  A 1 6  ? 0.226   0.450   -2.182  1.00 11.47 ? 6   DA  A C6    1 
ATOM   118 N  N6    . DA  A 1 6  ? -0.186  -0.822  -2.305  1.00 2.30  ? 6   DA  A N6    1 
ATOM   119 N  N1    . DA  A 1 6  ? -0.305  1.273   -1.229  1.00 13.29 ? 6   DA  A N1    1 
ATOM   120 C  C2    . DA  A 1 6  ? 0.066   2.573   -1.151  1.00 2.00  ? 6   DA  A C2    1 
ATOM   121 N  N3    . DA  A 1 6  ? 0.884   3.239   -1.982  1.00 7.89  ? 6   DA  A N3    1 
ATOM   122 C  C4    . DA  A 1 6  ? 1.218   2.481   -3.028  1.00 3.13  ? 6   DA  A C4    1 
ATOM   123 P  P     . DT  A 1 7  ? 6.112   6.970   -3.829  1.00 17.56 ? 7   DT  A P     1 
ATOM   124 O  OP1   . DT  A 1 7  ? 6.500   8.432   -4.004  1.00 19.83 ? 7   DT  A OP1   1 
ATOM   125 O  OP2   . DT  A 1 7  ? 7.206   5.989   -4.198  1.00 14.96 ? 7   DT  A OP2   1 
ATOM   126 O  "O5'" . DT  A 1 7  ? 5.479   6.792   -2.408  1.00 29.00 ? 7   DT  A "O5'" 1 
ATOM   127 C  "C5'" . DT  A 1 7  ? 4.091   6.998   -2.026  1.00 28.24 ? 7   DT  A "C5'" 1 
ATOM   128 C  "C4'" . DT  A 1 7  ? 4.016   6.332   -0.647  1.00 17.62 ? 7   DT  A "C4'" 1 
ATOM   129 O  "O4'" . DT  A 1 7  ? 3.762   4.969   -1.006  1.00 12.20 ? 7   DT  A "O4'" 1 
ATOM   130 C  "C3'" . DT  A 1 7  ? 5.217   6.284   0.287   1.00 12.78 ? 7   DT  A "C3'" 1 
ATOM   131 O  "O3'" . DT  A 1 7  ? 5.100   7.071   1.458   1.00 20.00 ? 7   DT  A "O3'" 1 
ATOM   132 C  "C2'" . DT  A 1 7  ? 5.323   4.809   0.670   1.00 7.39  ? 7   DT  A "C2'" 1 
ATOM   133 C  "C1'" . DT  A 1 7  ? 3.962   4.343   0.277   1.00 23.40 ? 7   DT  A "C1'" 1 
ATOM   134 N  N1    . DT  A 1 7  ? 3.795   2.945   -0.020  1.00 16.71 ? 7   DT  A N1    1 
ATOM   135 C  C2    . DT  A 1 7  ? 2.843   2.201   0.685   1.00 10.21 ? 7   DT  A C2    1 
ATOM   136 O  O2    . DT  A 1 7  ? 2.112   2.709   1.577   1.00 19.25 ? 7   DT  A O2    1 
ATOM   137 N  N3    . DT  A 1 7  ? 2.683   0.908   0.285   1.00 7.25  ? 7   DT  A N3    1 
ATOM   138 C  C4    . DT  A 1 7  ? 3.390   0.324   -0.723  1.00 8.64  ? 7   DT  A C4    1 
ATOM   139 O  O4    . DT  A 1 7  ? 3.135   -0.863  -0.939  1.00 8.21  ? 7   DT  A O4    1 
ATOM   140 C  C5    . DT  A 1 7  ? 4.324   1.113   -1.421  1.00 2.00  ? 7   DT  A C5    1 
ATOM   141 C  C7    . DT  A 1 7  ? 5.203   0.626   -2.503  1.00 4.60  ? 7   DT  A C7    1 
ATOM   142 C  C6    . DT  A 1 7  ? 4.446   2.445   -1.095  1.00 5.54  ? 7   DT  A C6    1 
ATOM   143 P  P     . DT  A 1 8  ? 6.003   7.263   2.794   1.00 17.92 ? 8   DT  A P     1 
ATOM   144 O  OP1   . DT  A 1 8  ? 5.922   8.660   3.216   1.00 27.12 ? 8   DT  A OP1   1 
ATOM   145 O  OP2   . DT  A 1 8  ? 7.360   6.753   2.476   1.00 20.01 ? 8   DT  A OP2   1 
ATOM   146 O  "O5'" . DT  A 1 8  ? 5.216   6.268   3.794   1.00 15.81 ? 8   DT  A "O5'" 1 
ATOM   147 C  "C5'" . DT  A 1 8  ? 3.788   6.483   3.993   1.00 21.13 ? 8   DT  A "C5'" 1 
ATOM   148 C  "C4'" . DT  A 1 8  ? 3.324   5.308   4.876   1.00 23.08 ? 8   DT  A "C4'" 1 
ATOM   149 O  "O4'" . DT  A 1 8  ? 3.280   4.061   4.250   1.00 33.92 ? 8   DT  A "O4'" 1 
ATOM   150 C  "C3'" . DT  A 1 8  ? 4.273   5.093   6.095   1.00 23.06 ? 8   DT  A "C3'" 1 
ATOM   151 O  "O3'" . DT  A 1 8  ? 3.540   5.136   7.320   1.00 32.76 ? 8   DT  A "O3'" 1 
ATOM   152 C  "C2'" . DT  A 1 8  ? 5.008   3.778   5.818   1.00 19.26 ? 8   DT  A "C2'" 1 
ATOM   153 C  "C1'" . DT  A 1 8  ? 3.935   3.057   5.094   1.00 16.43 ? 8   DT  A "C1'" 1 
ATOM   154 N  N1    . DT  A 1 8  ? 4.446   2.076   4.175   1.00 21.10 ? 8   DT  A N1    1 
ATOM   155 C  C2    . DT  A 1 8  ? 3.832   0.818   4.159   1.00 31.10 ? 8   DT  A C2    1 
ATOM   156 O  O2    . DT  A 1 8  ? 2.888   0.585   4.937   1.00 24.22 ? 8   DT  A O2    1 
ATOM   157 N  N3    . DT  A 1 8  ? 4.272   -0.082  3.211   1.00 17.77 ? 8   DT  A N3    1 
ATOM   158 C  C4    . DT  A 1 8  ? 5.291   0.240   2.343   1.00 20.95 ? 8   DT  A C4    1 
ATOM   159 O  O4    . DT  A 1 8  ? 5.574   -0.609  1.452   1.00 18.46 ? 8   DT  A O4    1 
ATOM   160 C  C5    . DT  A 1 8  ? 5.956   1.503   2.432   1.00 26.57 ? 8   DT  A C5    1 
ATOM   161 C  C7    . DT  A 1 8  ? 7.096   1.839   1.501   1.00 11.50 ? 8   DT  A C7    1 
ATOM   162 C  C6    . DT  A 1 8  ? 5.492   2.412   3.319   1.00 7.48  ? 8   DT  A C6    1 
HETATM 163 N  N1    . 5CM A 1 9  ? 4.917   -0.526  7.839   1.00 24.69 ? 9   5CM A N1    1 
HETATM 164 C  C2    . 5CM A 1 9  ? 4.798   -1.722  7.134   1.00 12.06 ? 9   5CM A C2    1 
HETATM 165 N  N3    . 5CM A 1 9  ? 5.670   -1.986  6.094   1.00 20.53 ? 9   5CM A N3    1 
HETATM 166 C  C4    . 5CM A 1 9  ? 6.584   -1.062  5.682   1.00 7.24  ? 9   5CM A C4    1 
HETATM 167 C  C5    . 5CM A 1 9  ? 6.636   0.210   6.333   1.00 18.85 ? 9   5CM A C5    1 
HETATM 168 C  C5A   . 5CM A 1 9  ? 7.581   1.231   5.861   1.00 14.19 ? 9   5CM A C5A   1 
HETATM 169 C  C6    . 5CM A 1 9  ? 5.763   0.446   7.333   1.00 13.23 ? 9   5CM A C6    1 
HETATM 170 O  O2    . 5CM A 1 9  ? 3.983   -2.581  7.430   1.00 17.43 ? 9   5CM A O2    1 
HETATM 171 N  N4    . 5CM A 1 9  ? 7.345   -1.317  4.615   1.00 17.23 ? 9   5CM A N4    1 
HETATM 172 C  "C1'" . 5CM A 1 9  ? 3.939   -0.220  8.891   1.00 15.61 ? 9   5CM A "C1'" 1 
HETATM 173 C  "C2'" . 5CM A 1 9  ? 4.207   0.623   10.106  1.00 9.65  ? 9   5CM A "C2'" 1 
HETATM 174 C  "C3'" . 5CM A 1 9  ? 2.883   1.228   10.482  1.00 11.49 ? 9   5CM A "C3'" 1 
HETATM 175 C  "C4'" . 5CM A 1 9  ? 2.287   1.515   9.040   1.00 31.50 ? 9   5CM A "C4'" 1 
HETATM 176 O  "O4'" . 5CM A 1 9  ? 3.110   0.776   8.220   1.00 28.51 ? 9   5CM A "O4'" 1 
HETATM 177 O  "O3'" . 5CM A 1 9  ? 1.825   0.538   11.096  1.00 35.77 ? 9   5CM A "O3'" 1 
HETATM 178 C  "C5'" . 5CM A 1 9  ? 2.273   2.979   8.651   1.00 21.24 ? 9   5CM A "C5'" 1 
HETATM 179 O  "O5'" . 5CM A 1 9  ? 3.645   3.399   9.001   1.00 27.44 ? 9   5CM A "O5'" 1 
HETATM 180 P  P     . 5CM A 1 9  ? 4.187   4.894   8.826   1.00 32.06 ? 9   5CM A P     1 
HETATM 181 O  OP1   . 5CM A 1 9  ? 3.539   5.979   9.656   1.00 33.23 ? 9   5CM A OP1   1 
HETATM 182 O  OP2   . 5CM A 1 9  ? 5.610   4.895   8.766   1.00 29.52 ? 9   5CM A OP2   1 
ATOM   183 P  P     . DG  A 1 10 ? 1.634   0.005   12.642  1.00 27.97 ? 10  DG  A P     1 
ATOM   184 O  OP1   . DG  A 1 10 ? 0.202   -0.306  12.773  1.00 31.82 ? 10  DG  A OP1   1 
ATOM   185 O  OP2   . DG  A 1 10 ? 2.331   0.991   13.437  1.00 32.70 ? 10  DG  A OP2   1 
ATOM   186 O  "O5'" . DG  A 1 10 ? 2.593   -1.338  12.497  1.00 36.84 ? 10  DG  A "O5'" 1 
ATOM   187 C  "C5'" . DG  A 1 10 ? 1.881   -2.556  12.137  1.00 27.00 ? 10  DG  A "C5'" 1 
ATOM   188 C  "C4'" . DG  A 1 10 ? 2.994   -3.563  12.121  1.00 32.97 ? 10  DG  A "C4'" 1 
ATOM   189 O  "O4'" . DG  A 1 10 ? 3.777   -3.158  11.003  1.00 21.60 ? 10  DG  A "O4'" 1 
ATOM   190 C  "C3'" . DG  A 1 10 ? 4.000   -3.647  13.269  1.00 24.93 ? 10  DG  A "C3'" 1 
ATOM   191 O  "O3'" . DG  A 1 10 ? 4.435   -5.003  13.521  1.00 46.85 ? 10  DG  A "O3'" 1 
ATOM   192 C  "C2'" . DG  A 1 10 ? 5.142   -2.796  12.755  1.00 22.68 ? 10  DG  A "C2'" 1 
ATOM   193 C  "C1'" . DG  A 1 10 ? 5.148   -3.476  11.414  1.00 8.05  ? 10  DG  A "C1'" 1 
ATOM   194 N  N9    . DG  A 1 10 ? 6.172   -2.949  10.529  1.00 18.67 ? 10  DG  A N9    1 
ATOM   195 C  C8    . DG  A 1 10 ? 6.862   -1.814  10.560  1.00 19.77 ? 10  DG  A C8    1 
ATOM   196 N  N7    . DG  A 1 10 ? 7.764   -1.661  9.589   1.00 26.96 ? 10  DG  A N7    1 
ATOM   197 C  C5    . DG  A 1 10 ? 7.642   -2.799  8.828   1.00 12.21 ? 10  DG  A C5    1 
ATOM   198 C  C6    . DG  A 1 10 ? 8.325   -3.272  7.686   1.00 10.36 ? 10  DG  A C6    1 
ATOM   199 O  O6    . DG  A 1 10 ? 9.247   -2.659  7.072   1.00 15.22 ? 10  DG  A O6    1 
ATOM   200 N  N1    . DG  A 1 10 ? 7.927   -4.496  7.214   1.00 24.94 ? 10  DG  A N1    1 
ATOM   201 C  C2    . DG  A 1 10 ? 6.964   -5.200  7.921   1.00 4.91  ? 10  DG  A C2    1 
ATOM   202 N  N2    . DG  A 1 10 ? 6.548   -6.334  7.425   1.00 12.07 ? 10  DG  A N2    1 
ATOM   203 N  N3    . DG  A 1 10 ? 6.299   -4.840  8.974   1.00 21.08 ? 10  DG  A N3    1 
ATOM   204 C  C4    . DG  A 1 10 ? 6.685   -3.596  9.403   1.00 16.28 ? 10  DG  A C4    1 
ATOM   205 P  P     . DC  A 1 11 ? 3.567   -5.933  14.571  1.00 53.40 ? 11  DC  A P     1 
ATOM   206 O  OP1   . DC  A 1 11 ? 2.128   -5.445  14.667  1.00 55.60 ? 11  DC  A OP1   1 
ATOM   207 O  OP2   . DC  A 1 11 ? 4.336   -5.641  15.814  1.00 42.69 ? 11  DC  A OP2   1 
ATOM   208 O  "O5'" . DC  A 1 11 ? 3.441   -7.362  13.949  1.00 37.03 ? 11  DC  A "O5'" 1 
ATOM   209 C  "C5'" . DC  A 1 11 ? 2.327   -7.614  12.978  1.00 38.57 ? 11  DC  A "C5'" 1 
ATOM   210 C  "C4'" . DC  A 1 11 ? 2.926   -8.657  12.065  1.00 31.36 ? 11  DC  A "C4'" 1 
ATOM   211 O  "O4'" . DC  A 1 11 ? 4.052   -8.275  11.309  1.00 33.61 ? 11  DC  A "O4'" 1 
ATOM   212 C  "C3'" . DC  A 1 11 ? 3.483   -9.820  12.933  1.00 36.93 ? 11  DC  A "C3'" 1 
ATOM   213 O  "O3'" . DC  A 1 11 ? 3.322   -11.000 12.205  1.00 35.98 ? 11  DC  A "O3'" 1 
ATOM   214 C  "C2'" . DC  A 1 11 ? 4.886   -9.286  13.218  1.00 29.71 ? 11  DC  A "C2'" 1 
ATOM   215 C  "C1'" . DC  A 1 11 ? 5.316   -8.765  11.825  1.00 15.19 ? 11  DC  A "C1'" 1 
ATOM   216 N  N1    . DC  A 1 11 ? 6.426   -7.777  11.786  1.00 21.10 ? 11  DC  A N1    1 
ATOM   217 C  C2    . DC  A 1 11 ? 7.333   -7.955  10.711  1.00 16.48 ? 11  DC  A C2    1 
ATOM   218 O  O2    . DC  A 1 11 ? 7.156   -8.861  9.893   1.00 25.89 ? 11  DC  A O2    1 
ATOM   219 N  N3    . DC  A 1 11 ? 8.333   -7.080  10.561  1.00 10.64 ? 11  DC  A N3    1 
ATOM   220 C  C4    . DC  A 1 11 ? 8.507   -6.029  11.350  1.00 18.86 ? 11  DC  A C4    1 
ATOM   221 N  N4    . DC  A 1 11 ? 9.506   -5.221  11.054  1.00 20.14 ? 11  DC  A N4    1 
ATOM   222 C  C5    . DC  A 1 11 ? 7.596   -5.787  12.449  1.00 19.56 ? 11  DC  A C5    1 
ATOM   223 C  C6    . DC  A 1 11 ? 6.602   -6.684  12.587  1.00 22.81 ? 11  DC  A C6    1 
ATOM   224 P  P     . DG  A 1 12 ? 3.500   -12.522 12.728  1.00 40.85 ? 12  DG  A P     1 
ATOM   225 O  OP1   . DG  A 1 12 ? 2.402   -13.276 12.013  1.00 30.42 ? 12  DG  A OP1   1 
ATOM   226 O  OP2   . DG  A 1 12 ? 3.371   -12.416 14.207  1.00 37.78 ? 12  DG  A OP2   1 
ATOM   227 O  "O5'" . DG  A 1 12 ? 4.960   -13.017 12.330  1.00 23.99 ? 12  DG  A "O5'" 1 
ATOM   228 C  "C5'" . DG  A 1 12 ? 5.361   -13.097 10.943  1.00 29.29 ? 12  DG  A "C5'" 1 
ATOM   229 C  "C4'" . DG  A 1 12 ? 6.829   -13.523 11.043  1.00 28.18 ? 12  DG  A "C4'" 1 
ATOM   230 O  "O4'" . DG  A 1 12 ? 7.722   -12.473 11.130  1.00 33.47 ? 12  DG  A "O4'" 1 
ATOM   231 C  "C3'" . DG  A 1 12 ? 7.013   -14.337 12.327  1.00 30.15 ? 12  DG  A "C3'" 1 
ATOM   232 O  "O3'" . DG  A 1 12 ? 7.035   -15.695 11.871  1.00 28.79 ? 12  DG  A "O3'" 1 
ATOM   233 C  "C2'" . DG  A 1 12 ? 8.251   -13.761 12.985  1.00 49.28 ? 12  DG  A "C2'" 1 
ATOM   234 C  "C1'" . DG  A 1 12 ? 8.826   -12.737 12.052  1.00 30.92 ? 12  DG  A "C1'" 1 
ATOM   235 N  N9    . DG  A 1 12 ? 9.200   -11.417 12.566  1.00 28.93 ? 12  DG  A N9    1 
ATOM   236 C  C8    . DG  A 1 12 ? 8.579   -10.655 13.566  1.00 23.25 ? 12  DG  A C8    1 
ATOM   237 N  N7    . DG  A 1 12 ? 9.152   -9.482  13.735  1.00 25.30 ? 12  DG  A N7    1 
ATOM   238 C  C5    . DG  A 1 12 ? 10.079  -9.370  12.706  1.00 26.22 ? 12  DG  A C5    1 
ATOM   239 C  C6    . DG  A 1 12 ? 10.953  -8.325  12.313  1.00 13.93 ? 12  DG  A C6    1 
ATOM   240 O  O6    . DG  A 1 12 ? 11.068  -7.233  12.789  1.00 15.01 ? 12  DG  A O6    1 
ATOM   241 N  N1    . DG  A 1 12 ? 11.747  -8.566  11.193  1.00 21.20 ? 12  DG  A N1    1 
ATOM   242 C  C2    . DG  A 1 12 ? 11.660  -9.826  10.578  1.00 19.06 ? 12  DG  A C2    1 
ATOM   243 N  N2    . DG  A 1 12 ? 12.395  -10.015 9.504   1.00 17.17 ? 12  DG  A N2    1 
ATOM   244 N  N3    . DG  A 1 12 ? 10.865  -10.832 10.891  1.00 22.24 ? 12  DG  A N3    1 
ATOM   245 C  C4    . DG  A 1 12 ? 10.106  -10.568 11.974  1.00 18.01 ? 12  DG  A C4    1 
ATOM   246 O  "O5'" . DC  B 1 1  ? 19.039  -3.741  9.046   1.00 64.15 ? 13  DC  B "O5'" 1 
ATOM   247 C  "C5'" . DC  B 1 1  ? 19.765  -4.747  8.240   1.00 51.51 ? 13  DC  B "C5'" 1 
ATOM   248 C  "C4'" . DC  B 1 1  ? 18.824  -5.865  7.836   1.00 43.58 ? 13  DC  B "C4'" 1 
ATOM   249 O  "O4'" . DC  B 1 1  ? 18.025  -6.215  8.941   1.00 33.23 ? 13  DC  B "O4'" 1 
ATOM   250 C  "C3'" . DC  B 1 1  ? 17.825  -5.521  6.712   1.00 30.78 ? 13  DC  B "C3'" 1 
ATOM   251 O  "O3'" . DC  B 1 1  ? 18.002  -6.327  5.559   1.00 55.80 ? 13  DC  B "O3'" 1 
ATOM   252 C  "C2'" . DC  B 1 1  ? 16.462  -5.764  7.289   1.00 21.32 ? 13  DC  B "C2'" 1 
ATOM   253 C  "C1'" . DC  B 1 1  ? 16.712  -6.568  8.524   1.00 35.16 ? 13  DC  B "C1'" 1 
ATOM   254 N  N1    . DC  B 1 1  ? 15.602  -6.205  9.429   1.00 32.98 ? 13  DC  B N1    1 
ATOM   255 C  C2    . DC  B 1 1  ? 14.535  -7.093  9.422   1.00 24.20 ? 13  DC  B C2    1 
ATOM   256 O  O2    . DC  B 1 1  ? 14.571  -8.041  8.656   1.00 28.88 ? 13  DC  B O2    1 
ATOM   257 N  N3    . DC  B 1 1  ? 13.475  -6.810  10.231  1.00 20.13 ? 13  DC  B N3    1 
ATOM   258 C  C4    . DC  B 1 1  ? 13.476  -5.664  10.991  1.00 26.31 ? 13  DC  B C4    1 
ATOM   259 N  N4    . DC  B 1 1  ? 12.412  -5.443  11.738  1.00 18.15 ? 13  DC  B N4    1 
ATOM   260 C  C5    . DC  B 1 1  ? 14.592  -4.760  11.062  1.00 12.79 ? 13  DC  B C5    1 
ATOM   261 C  C6    . DC  B 1 1  ? 15.617  -5.084  10.216  1.00 30.31 ? 13  DC  B C6    1 
ATOM   262 P  P     . DG  B 1 2  ? 17.641  -5.878  4.067   1.00 65.14 ? 14  DG  B P     1 
ATOM   263 O  OP1   . DG  B 1 2  ? 18.971  -5.952  3.348   1.00 76.37 ? 14  DG  B OP1   1 
ATOM   264 O  OP2   . DG  B 1 2  ? 16.899  -4.577  4.092   1.00 53.09 ? 14  DG  B OP2   1 
ATOM   265 O  "O5'" . DG  B 1 2  ? 16.713  -7.089  3.535   1.00 41.42 ? 14  DG  B "O5'" 1 
ATOM   266 C  "C5'" . DG  B 1 2  ? 16.799  -8.260  4.436   1.00 53.34 ? 14  DG  B "C5'" 1 
ATOM   267 C  "C4'" . DG  B 1 2  ? 15.470  -8.975  4.189   1.00 45.97 ? 14  DG  B "C4'" 1 
ATOM   268 O  "O4'" . DG  B 1 2  ? 14.660  -8.761  5.316   1.00 23.48 ? 14  DG  B "O4'" 1 
ATOM   269 C  "C3'" . DG  B 1 2  ? 14.724  -8.486  2.942   1.00 19.64 ? 14  DG  B "C3'" 1 
ATOM   270 O  "O3'" . DG  B 1 2  ? 14.324  -9.560  2.151   1.00 26.89 ? 14  DG  B "O3'" 1 
ATOM   271 C  "C2'" . DG  B 1 2  ? 13.507  -7.751  3.472   1.00 28.97 ? 14  DG  B "C2'" 1 
ATOM   272 C  "C1'" . DG  B 1 2  ? 13.373  -8.368  4.837   1.00 19.24 ? 14  DG  B "C1'" 1 
ATOM   273 N  N9    . DG  B 1 2  ? 12.896  -7.343  5.746   1.00 22.09 ? 14  DG  B N9    1 
ATOM   274 C  C8    . DG  B 1 2  ? 13.427  -6.072  5.878   1.00 26.16 ? 14  DG  B C8    1 
ATOM   275 N  N7    . DG  B 1 2  ? 12.881  -5.363  6.820   1.00 26.77 ? 14  DG  B N7    1 
ATOM   276 C  C5    . DG  B 1 2  ? 11.861  -6.215  7.295   1.00 21.23 ? 14  DG  B C5    1 
ATOM   277 C  C6    . DG  B 1 2  ? 10.837  -6.019  8.250   1.00 12.22 ? 14  DG  B C6    1 
ATOM   278 O  O6    . DG  B 1 2  ? 10.728  -4.960  8.925   1.00 21.55 ? 14  DG  B O6    1 
ATOM   279 N  N1    . DG  B 1 2  ? 10.027  -7.113  8.449   1.00 18.88 ? 14  DG  B N1    1 
ATOM   280 C  C2    . DG  B 1 2  ? 10.162  -8.272  7.783   1.00 26.08 ? 14  DG  B C2    1 
ATOM   281 N  N2    . DG  B 1 2  ? 9.347   -9.320  8.086   1.00 23.07 ? 14  DG  B N2    1 
ATOM   282 N  N3    . DG  B 1 2  ? 11.079  -8.487  6.833   1.00 32.52 ? 14  DG  B N3    1 
ATOM   283 C  C4    . DG  B 1 2  ? 11.884  -7.427  6.639   1.00 23.70 ? 14  DG  B C4    1 
HETATM 284 N  N1    . 5CM B 1 3  ? 9.587   -7.647  3.771   1.00 18.23 ? 15  5CM B N1    1 
HETATM 285 C  C2    . 5CM B 1 3  ? 8.822   -7.024  4.812   1.00 5.23  ? 15  5CM B C2    1 
HETATM 286 N  N3    . 5CM B 1 3  ? 9.007   -5.691  5.065   1.00 5.86  ? 15  5CM B N3    1 
HETATM 287 C  C4    . 5CM B 1 3  ? 9.957   -5.020  4.371   1.00 5.15  ? 15  5CM B C4    1 
HETATM 288 C  C5    . 5CM B 1 3  ? 10.771  -5.641  3.400   1.00 14.12 ? 15  5CM B C5    1 
HETATM 289 C  C5A   . 5CM B 1 3  ? 11.799  -4.846  2.651   1.00 23.86 ? 15  5CM B C5A   1 
HETATM 290 C  C6    . 5CM B 1 3  ? 10.539  -6.960  3.096   1.00 20.39 ? 15  5CM B C6    1 
HETATM 291 O  O2    . 5CM B 1 3  ? 8.035   -7.734  5.390   1.00 22.35 ? 15  5CM B O2    1 
HETATM 292 N  N4    . 5CM B 1 3  ? 10.116  -3.683  4.589   1.00 15.42 ? 15  5CM B N4    1 
HETATM 293 C  "C1'" . 5CM B 1 3  ? 9.353   -9.086  3.649   1.00 24.70 ? 15  5CM B "C1'" 1 
HETATM 294 C  "C2'" . 5CM B 1 3  ? 8.346   -9.371  2.580   1.00 27.62 ? 15  5CM B "C2'" 1 
HETATM 295 C  "C3'" . 5CM B 1 3  ? 9.213   -10.203 1.609   1.00 36.73 ? 15  5CM B "C3'" 1 
HETATM 296 C  "C4'" . 5CM B 1 3  ? 10.331  -10.722 2.488   1.00 26.39 ? 15  5CM B "C4'" 1 
HETATM 297 O  "O4'" . 5CM B 1 3  ? 10.637  -9.664  3.379   1.00 27.64 ? 15  5CM B "O4'" 1 
HETATM 298 O  "O3'" . 5CM B 1 3  ? 8.459   -11.225 1.024   1.00 21.25 ? 15  5CM B "O3'" 1 
HETATM 299 C  "C5'" . 5CM B 1 3  ? 11.672  -11.049 1.850   1.00 41.07 ? 15  5CM B "C5'" 1 
HETATM 300 O  "O5'" . 5CM B 1 3  ? 11.963  -9.814  1.136   1.00 41.76 ? 15  5CM B "O5'" 1 
HETATM 301 P  P     . 5CM B 1 3  ? 13.464  -9.382  0.803   1.00 24.64 ? 15  5CM B P     1 
HETATM 302 O  OP1   . 5CM B 1 3  ? 14.069  -10.339 -0.115  1.00 23.90 ? 15  5CM B OP1   1 
HETATM 303 O  OP2   . 5CM B 1 3  ? 13.444  -7.896  0.556   1.00 17.24 ? 15  5CM B OP2   1 
ATOM   304 P  P     . DG  B 1 4  ? 7.294   -11.316 -0.014  1.00 26.30 ? 16  DG  B P     1 
ATOM   305 O  OP1   . DG  B 1 4  ? 7.293   -12.640 -0.700  1.00 35.90 ? 16  DG  B OP1   1 
ATOM   306 O  OP2   . DG  B 1 4  ? 7.601   -10.061 -0.733  1.00 29.54 ? 16  DG  B OP2   1 
ATOM   307 O  "O5'" . DG  B 1 4  ? 5.861   -11.218 0.655   1.00 12.66 ? 16  DG  B "O5'" 1 
ATOM   308 C  "C5'" . DG  B 1 4  ? 5.562   -12.054 1.774   1.00 8.37  ? 16  DG  B "C5'" 1 
ATOM   309 C  "C4'" . DG  B 1 4  ? 4.582   -11.240 2.622   1.00 4.25  ? 16  DG  B "C4'" 1 
ATOM   310 O  "O4'" . DG  B 1 4  ? 5.188   -10.155 3.153   1.00 17.78 ? 16  DG  B "O4'" 1 
ATOM   311 C  "C3'" . DG  B 1 4  ? 3.345   -10.743 1.762   1.00 38.29 ? 16  DG  B "C3'" 1 
ATOM   312 O  "O3'" . DG  B 1 4  ? 2.160   -11.297 2.344   1.00 29.34 ? 16  DG  B "O3'" 1 
ATOM   313 C  "C2'" . DG  B 1 4  ? 3.543   -9.227  1.694   1.00 9.99  ? 16  DG  B "C2'" 1 
ATOM   314 C  "C1'" . DG  B 1 4  ? 4.323   -8.968  2.906   1.00 19.77 ? 16  DG  B "C1'" 1 
ATOM   315 N  N9    . DG  B 1 4  ? 5.094   -7.741  2.694   1.00 16.42 ? 16  DG  B N9    1 
ATOM   316 C  C8    . DG  B 1 4  ? 5.917   -7.401  1.631   1.00 10.84 ? 16  DG  B C8    1 
ATOM   317 N  N7    . DG  B 1 4  ? 6.510   -6.220  1.772   1.00 16.05 ? 16  DG  B N7    1 
ATOM   318 C  C5    . DG  B 1 4  ? 6.031   -5.752  3.011   1.00 12.79 ? 16  DG  B C5    1 
ATOM   319 C  C6    . DG  B 1 4  ? 6.212   -4.529  3.655   1.00 12.99 ? 16  DG  B C6    1 
ATOM   320 O  O6    . DG  B 1 4  ? 6.929   -3.552  3.320   1.00 17.42 ? 16  DG  B O6    1 
ATOM   321 N  N1    . DG  B 1 4  ? 5.577   -4.427  4.876   1.00 18.86 ? 16  DG  B N1    1 
ATOM   322 C  C2    . DG  B 1 4  ? 4.783   -5.408  5.365   1.00 4.68  ? 16  DG  B C2    1 
ATOM   323 N  N2    . DG  B 1 4  ? 4.271   -5.125  6.581   1.00 18.45 ? 16  DG  B N2    1 
ATOM   324 N  N3    . DG  B 1 4  ? 4.516   -6.618  4.802   1.00 13.42 ? 16  DG  B N3    1 
ATOM   325 C  C4    . DG  B 1 4  ? 5.199   -6.689  3.608   1.00 15.41 ? 16  DG  B C4    1 
ATOM   326 P  P     . DA  B 1 5  ? 0.634   -10.810 2.303   1.00 34.32 ? 17  DA  B P     1 
ATOM   327 O  OP1   . DA  B 1 5  ? -0.287  -12.012 2.300   1.00 24.99 ? 17  DA  B OP1   1 
ATOM   328 O  OP2   . DA  B 1 5  ? 0.626   -10.019 1.067   1.00 33.65 ? 17  DA  B OP2   1 
ATOM   329 O  "O5'" . DA  B 1 5  ? 0.313   -10.061 3.691   1.00 24.80 ? 17  DA  B "O5'" 1 
ATOM   330 C  "C5'" . DA  B 1 5  ? 1.163   -9.719  4.783   1.00 31.30 ? 17  DA  B "C5'" 1 
ATOM   331 C  "C4'" . DA  B 1 5  ? 0.444   -8.701  5.584   1.00 21.87 ? 17  DA  B "C4'" 1 
ATOM   332 O  "O4'" . DA  B 1 5  ? 1.036   -7.369  5.523   1.00 35.57 ? 17  DA  B "O4'" 1 
ATOM   333 C  "C3'" . DA  B 1 5  ? -0.980  -8.387  5.151   1.00 32.90 ? 17  DA  B "C3'" 1 
ATOM   334 O  "O3'" . DA  B 1 5  ? -1.693  -7.878  6.265   1.00 44.06 ? 17  DA  B "O3'" 1 
ATOM   335 C  "C2'" . DA  B 1 5  ? -0.844  -7.340  4.055   1.00 25.27 ? 17  DA  B "C2'" 1 
ATOM   336 C  "C1'" . DA  B 1 5  ? 0.251   -6.500  4.685   1.00 22.71 ? 17  DA  B "C1'" 1 
ATOM   337 N  N9    . DA  B 1 5  ? 1.124   -5.957  3.637   1.00 21.99 ? 17  DA  B N9    1 
ATOM   338 C  C8    . DA  B 1 5  ? 1.504   -6.635  2.478   1.00 24.18 ? 17  DA  B C8    1 
ATOM   339 N  N7    . DA  B 1 5  ? 2.328   -5.946  1.735   1.00 23.41 ? 17  DA  B N7    1 
ATOM   340 C  C5    . DA  B 1 5  ? 2.459   -4.721  2.397   1.00 5.05  ? 17  DA  B C5    1 
ATOM   341 C  C6    . DA  B 1 5  ? 3.234   -3.572  2.150   1.00 2.08  ? 17  DA  B C6    1 
ATOM   342 N  N6    . DA  B 1 5  ? 3.922   -3.436  1.055   1.00 12.34 ? 17  DA  B N6    1 
ATOM   343 N  N1    . DA  B 1 5  ? 3.122   -2.624  3.092   1.00 16.71 ? 17  DA  B N1    1 
ATOM   344 C  C2    . DA  B 1 5  ? 2.278   -2.715  4.144   1.00 3.16  ? 17  DA  B C2    1 
ATOM   345 N  N3    . DA  B 1 5  ? 1.575   -3.745  4.438   1.00 17.10 ? 17  DA  B N3    1 
ATOM   346 C  C4    . DA  B 1 5  ? 1.737   -4.752  3.568   1.00 10.93 ? 17  DA  B C4    1 
ATOM   347 P  P     . DA  B 1 6  ? -3.269  -7.562  6.317   1.00 43.05 ? 18  DA  B P     1 
ATOM   348 O  OP1   . DA  B 1 6  ? -3.752  -8.277  7.533   1.00 41.75 ? 18  DA  B OP1   1 
ATOM   349 O  OP2   . DA  B 1 6  ? -3.846  -8.044  5.020   1.00 28.46 ? 18  DA  B OP2   1 
ATOM   350 O  "O5'" . DA  B 1 6  ? -3.211  -5.952  6.382   1.00 28.76 ? 18  DA  B "O5'" 1 
ATOM   351 C  "C5'" . DA  B 1 6  ? -2.244  -5.332  7.283   1.00 42.74 ? 18  DA  B "C5'" 1 
ATOM   352 C  "C4'" . DA  B 1 6  ? -2.228  -3.846  6.935   1.00 36.95 ? 18  DA  B "C4'" 1 
ATOM   353 O  "O4'" . DA  B 1 6  ? -1.440  -3.751  5.747   1.00 24.68 ? 18  DA  B "O4'" 1 
ATOM   354 C  "C3'" . DA  B 1 6  ? -3.571  -3.200  6.651   1.00 36.10 ? 18  DA  B "C3'" 1 
ATOM   355 O  "O3'" . DA  B 1 6  ? -3.974  -2.051  7.432   1.00 64.21 ? 18  DA  B "O3'" 1 
ATOM   356 C  "C2'" . DA  B 1 6  ? -3.401  -2.779  5.167   1.00 39.54 ? 18  DA  B "C2'" 1 
ATOM   357 C  "C1'" . DA  B 1 6  ? -1.933  -2.638  5.022   1.00 14.84 ? 18  DA  B "C1'" 1 
ATOM   358 N  N9    . DA  B 1 6  ? -1.439  -2.858  3.689   1.00 9.09  ? 18  DA  B N9    1 
ATOM   359 C  C8    . DA  B 1 6  ? -1.679  -3.883  2.823   1.00 10.77 ? 18  DA  B C8    1 
ATOM   360 N  N7    . DA  B 1 6  ? -1.075  -3.815  1.650   1.00 21.95 ? 18  DA  B N7    1 
ATOM   361 C  C5    . DA  B 1 6  ? -0.359  -2.588  1.789   1.00 24.47 ? 18  DA  B C5    1 
ATOM   362 C  C6    . DA  B 1 6  ? 0.515   -1.933  0.919   1.00 17.04 ? 18  DA  B C6    1 
ATOM   363 N  N6    . DA  B 1 6  ? 0.871   -2.394  -0.256  1.00 21.45 ? 18  DA  B N6    1 
ATOM   364 N  N1    . DA  B 1 6  ? 0.994   -0.693  1.357   1.00 21.77 ? 18  DA  B N1    1 
ATOM   365 C  C2    . DA  B 1 6  ? 0.698   -0.190  2.587   1.00 6.75  ? 18  DA  B C2    1 
ATOM   366 N  N3    . DA  B 1 6  ? -0.117  -0.815  3.494   1.00 10.87 ? 18  DA  B N3    1 
ATOM   367 C  C4    . DA  B 1 6  ? -0.605  -1.975  3.039   1.00 12.74 ? 18  DA  B C4    1 
ATOM   368 P  P     . DT  B 1 7  ? -5.365  -1.207  7.416   1.00 52.80 ? 19  DT  B P     1 
ATOM   369 O  OP1   . DT  B 1 7  ? -5.977  -1.169  8.789   1.00 50.54 ? 19  DT  B OP1   1 
ATOM   370 O  OP2   . DT  B 1 7  ? -6.281  -1.871  6.418   1.00 48.98 ? 19  DT  B OP2   1 
ATOM   371 O  "O5'" . DT  B 1 7  ? -4.930  0.238   6.939   1.00 29.72 ? 19  DT  B "O5'" 1 
ATOM   372 C  "C5'" . DT  B 1 7  ? -3.624  0.730   7.411   1.00 28.34 ? 19  DT  B "C5'" 1 
ATOM   373 C  "C4'" . DT  B 1 7  ? -3.176  1.708   6.306   1.00 26.67 ? 19  DT  B "C4'" 1 
ATOM   374 O  "O4'" . DT  B 1 7  ? -2.765  1.015   5.161   1.00 23.77 ? 19  DT  B "O4'" 1 
ATOM   375 C  "C3'" . DT  B 1 7  ? -4.301  2.693   5.863   1.00 35.49 ? 19  DT  B "C3'" 1 
ATOM   376 O  "O3'" . DT  B 1 7  ? -4.123  4.015   6.433   1.00 28.48 ? 19  DT  B "O3'" 1 
ATOM   377 C  "C2'" . DT  B 1 7  ? -4.285  2.676   4.334   1.00 39.21 ? 19  DT  B "C2'" 1 
ATOM   378 C  "C1'" . DT  B 1 7  ? -3.008  2.009   4.056   1.00 22.23 ? 19  DT  B "C1'" 1 
ATOM   379 N  N1    . DT  B 1 7  ? -2.976  1.173   2.889   1.00 9.27  ? 19  DT  B N1    1 
ATOM   380 C  C2    . DT  B 1 7  ? -2.163  1.586   1.813   1.00 17.43 ? 19  DT  B C2    1 
ATOM   381 O  O2    . DT  B 1 7  ? -1.525  2.642   1.848   1.00 17.30 ? 19  DT  B O2    1 
ATOM   382 N  N3    . DT  B 1 7  ? -2.086  0.773   0.773   1.00 2.00  ? 19  DT  B N3    1 
ATOM   383 C  C4    . DT  B 1 7  ? -2.716  -0.406  0.649   1.00 15.15 ? 19  DT  B C4    1 
ATOM   384 O  O4    . DT  B 1 7  ? -2.583  -1.118  -0.391  1.00 16.56 ? 19  DT  B O4    1 
ATOM   385 C  C5    . DT  B 1 7  ? -3.588  -0.789  1.752   1.00 10.01 ? 19  DT  B C5    1 
ATOM   386 C  C7    . DT  B 1 7  ? -4.382  -2.058  1.777   1.00 10.39 ? 19  DT  B C7    1 
ATOM   387 C  C6    . DT  B 1 7  ? -3.635  -0.003  2.834   1.00 13.26 ? 19  DT  B C6    1 
ATOM   388 P  P     . DT  B 1 8  ? -4.837  5.302   5.826   1.00 32.89 ? 20  DT  B P     1 
ATOM   389 O  OP1   . DT  B 1 8  ? -5.128  6.234   6.957   1.00 27.55 ? 20  DT  B OP1   1 
ATOM   390 O  OP2   . DT  B 1 8  ? -6.110  4.599   5.321   1.00 42.19 ? 20  DT  B OP2   1 
ATOM   391 O  "O5'" . DT  B 1 8  ? -4.053  5.790   4.583   1.00 25.72 ? 20  DT  B "O5'" 1 
ATOM   392 C  "C5'" . DT  B 1 8  ? -2.618  5.950   4.541   1.00 17.01 ? 20  DT  B "C5'" 1 
ATOM   393 C  "C4'" . DT  B 1 8  ? -2.233  6.528   3.205   1.00 14.20 ? 20  DT  B "C4'" 1 
ATOM   394 O  "O4'" . DT  B 1 8  ? -2.250  5.445   2.270   1.00 7.94  ? 20  DT  B "O4'" 1 
ATOM   395 C  "C3'" . DT  B 1 8  ? -3.082  7.668   2.571   1.00 12.15 ? 20  DT  B "C3'" 1 
ATOM   396 O  "O3'" . DT  B 1 8  ? -2.119  8.678   2.334   1.00 38.33 ? 20  DT  B "O3'" 1 
ATOM   397 C  "C2'" . DT  B 1 8  ? -3.763  7.068   1.353   1.00 14.79 ? 20  DT  B "C2'" 1 
ATOM   398 C  "C1'" . DT  B 1 8  ? -2.833  5.891   1.062   1.00 17.51 ? 20  DT  B "C1'" 1 
ATOM   399 N  N1    . DT  B 1 8  ? -3.536  4.707   0.591   1.00 13.34 ? 20  DT  B N1    1 
ATOM   400 C  C2    . DT  B 1 8  ? -3.137  4.300   -0.667  1.00 28.94 ? 20  DT  B C2    1 
ATOM   401 O  O2    . DT  B 1 8  ? -2.284  4.991   -1.278  1.00 13.96 ? 20  DT  B O2    1 
ATOM   402 N  N3    . DT  B 1 8  ? -3.780  3.206   -1.180  1.00 24.87 ? 20  DT  B N3    1 
ATOM   403 C  C4    . DT  B 1 8  ? -4.745  2.492   -0.507  1.00 22.51 ? 20  DT  B C4    1 
ATOM   404 O  O4    . DT  B 1 8  ? -5.225  1.506   -1.107  1.00 23.74 ? 20  DT  B O4    1 
ATOM   405 C  C5    . DT  B 1 8  ? -5.086  2.890   0.807   1.00 17.76 ? 20  DT  B C5    1 
ATOM   406 C  C7    . DT  B 1 8  ? -6.098  2.146   1.602   1.00 18.20 ? 20  DT  B C7    1 
ATOM   407 C  C6    . DT  B 1 8  ? -4.462  3.993   1.321   1.00 26.81 ? 20  DT  B C6    1 
HETATM 408 N  N1    . 5CM B 1 9  ? -4.544  6.869   -3.103  1.00 17.08 ? 21  5CM B N1    1 
HETATM 409 C  C2    . 5CM B 1 9  ? -4.581  5.782   -3.971  1.00 10.87 ? 21  5CM B C2    1 
HETATM 410 N  N3    . 5CM B 1 9  ? -5.422  4.758   -3.725  1.00 14.47 ? 21  5CM B N3    1 
HETATM 411 C  C4    . 5CM B 1 9  ? -6.217  4.755   -2.567  1.00 2.00  ? 21  5CM B C4    1 
HETATM 412 C  C5    . 5CM B 1 9  ? -6.164  5.841   -1.673  1.00 12.81 ? 21  5CM B C5    1 
HETATM 413 C  C5A   . 5CM B 1 9  ? -7.090  5.915   -0.513  1.00 11.56 ? 21  5CM B C5A   1 
HETATM 414 C  C6    . 5CM B 1 9  ? -5.335  6.857   -1.954  1.00 21.61 ? 21  5CM B C6    1 
HETATM 415 O  O2    . 5CM B 1 9  ? -3.825  5.762   -4.894  1.00 22.44 ? 21  5CM B O2    1 
HETATM 416 N  N4    . 5CM B 1 9  ? -7.040  3.783   -2.322  1.00 6.97  ? 21  5CM B N4    1 
HETATM 417 C  "C1'" . 5CM B 1 9  ? -3.589  7.949   -3.235  1.00 8.98  ? 21  5CM B "C1'" 1 
HETATM 418 C  "C2'" . 5CM B 1 9  ? -4.044  9.390   -3.108  1.00 6.10  ? 21  5CM B "C2'" 1 
HETATM 419 C  "C3'" . 5CM B 1 9  ? -2.964  10.121  -2.400  1.00 9.68  ? 21  5CM B "C3'" 1 
HETATM 420 C  "C4'" . 5CM B 1 9  ? -1.927  9.008   -2.067  1.00 9.32  ? 21  5CM B "C4'" 1 
HETATM 421 O  "O4'" . 5CM B 1 9  ? -2.654  7.826   -2.069  1.00 16.01 ? 21  5CM B "O4'" 1 
HETATM 422 O  "O3'" . 5CM B 1 9  ? -2.218  11.090  -3.081  1.00 31.19 ? 21  5CM B "O3'" 1 
HETATM 423 C  "C5'" . 5CM B 1 9  ? -1.191  9.236   -0.727  1.00 22.15 ? 21  5CM B "C5'" 1 
HETATM 424 O  "O5'" . 5CM B 1 9  ? -2.034  9.828   0.166   1.00 21.90 ? 21  5CM B "O5'" 1 
HETATM 425 P  P     . 5CM B 1 9  ? -2.237  10.162  1.682   1.00 28.26 ? 21  5CM B P     1 
HETATM 426 O  OP1   . 5CM B 1 9  ? -1.289  11.099  2.265   1.00 41.36 ? 21  5CM B OP1   1 
HETATM 427 O  OP2   . 5CM B 1 9  ? -3.595  10.404  2.061   1.00 24.34 ? 21  5CM B OP2   1 
ATOM   428 P  P     . DG  B 1 10 ? -2.654  12.228  -4.119  1.00 39.84 ? 22  DG  B P     1 
ATOM   429 O  OP1   . DG  B 1 10 ? -1.312  12.732  -4.690  1.00 62.28 ? 22  DG  B OP1   1 
ATOM   430 O  OP2   . DG  B 1 10 ? -3.472  13.212  -3.481  1.00 43.66 ? 22  DG  B OP2   1 
ATOM   431 O  "O5'" . DG  B 1 10 ? -3.509  11.476  -5.293  1.00 39.86 ? 22  DG  B "O5'" 1 
ATOM   432 C  "C5'" . DG  B 1 10 ? -2.544  10.733  -6.125  1.00 24.83 ? 22  DG  B "C5'" 1 
ATOM   433 C  "C4'" . DG  B 1 10 ? -3.399  10.497  -7.320  1.00 19.69 ? 22  DG  B "C4'" 1 
ATOM   434 O  "O4'" . DG  B 1 10 ? -4.183  9.424   -6.926  1.00 15.64 ? 22  DG  B "O4'" 1 
ATOM   435 C  "C3'" . DG  B 1 10 ? -4.372  11.615  -7.731  1.00 26.03 ? 22  DG  B "C3'" 1 
ATOM   436 O  "O3'" . DG  B 1 10 ? -4.553  11.476  -9.122  1.00 39.44 ? 22  DG  B "O3'" 1 
ATOM   437 C  "C2'" . DG  B 1 10 ? -5.503  11.260  -6.774  1.00 26.79 ? 22  DG  B "C2'" 1 
ATOM   438 C  "C1'" . DG  B 1 10 ? -5.581  9.790   -7.131  1.00 25.60 ? 22  DG  B "C1'" 1 
ATOM   439 N  N9    . DG  B 1 10 ? -6.372  8.894   -6.306  1.00 18.14 ? 22  DG  B N9    1 
ATOM   440 C  C8    . DG  B 1 10 ? -6.829  9.129   -5.035  1.00 17.66 ? 22  DG  B C8    1 
ATOM   441 N  N7    . DG  B 1 10 ? -7.469  8.158   -4.495  1.00 13.34 ? 22  DG  B N7    1 
ATOM   442 C  C5    . DG  B 1 10 ? -7.424  7.133   -5.467  1.00 9.33  ? 22  DG  B C5    1 
ATOM   443 C  C6    . DG  B 1 10 ? -7.947  5.836   -5.473  1.00 9.39  ? 22  DG  B C6    1 
ATOM   444 O  O6    . DG  B 1 10 ? -8.591  5.271   -4.538  1.00 15.00 ? 22  DG  B O6    1 
ATOM   445 N  N1    . DG  B 1 10 ? -7.663  5.066   -6.618  1.00 18.09 ? 22  DG  B N1    1 
ATOM   446 C  C2    . DG  B 1 10 ? -6.968  5.647   -7.643  1.00 14.40 ? 22  DG  B C2    1 
ATOM   447 N  N2    . DG  B 1 10 ? -6.765  4.822   -8.696  1.00 18.37 ? 22  DG  B N2    1 
ATOM   448 N  N3    . DG  B 1 10 ? -6.420  6.892   -7.702  1.00 26.13 ? 22  DG  B N3    1 
ATOM   449 C  C4    . DG  B 1 10 ? -6.706  7.571   -6.579  1.00 23.34 ? 22  DG  B C4    1 
ATOM   450 P  P     . DC  B 1 11 ? -5.022  12.594  -10.199 1.00 37.48 ? 23  DC  B P     1 
ATOM   451 O  OP1   . DC  B 1 11 ? -4.116  13.782  -10.338 1.00 33.57 ? 23  DC  B OP1   1 
ATOM   452 O  OP2   . DC  B 1 11 ? -6.300  13.000  -9.517  1.00 38.44 ? 23  DC  B OP2   1 
ATOM   453 O  "O5'" . DC  B 1 11 ? -5.200  11.859  -11.574 1.00 54.94 ? 23  DC  B "O5'" 1 
ATOM   454 C  "C5'" . DC  B 1 11 ? -4.416  10.983  -12.387 1.00 34.57 ? 23  DC  B "C5'" 1 
ATOM   455 C  "C4'" . DC  B 1 11 ? -5.062  9.653   -12.737 1.00 27.74 ? 23  DC  B "C4'" 1 
ATOM   456 O  "O4'" . DC  B 1 11 ? -5.494  9.031   -11.534 1.00 28.13 ? 23  DC  B "O4'" 1 
ATOM   457 C  "C3'" . DC  B 1 11 ? -6.336  9.672   -13.557 1.00 29.56 ? 23  DC  B "C3'" 1 
ATOM   458 O  "O3'" . DC  B 1 11 ? -6.180  9.846   -14.965 1.00 46.05 ? 23  DC  B "O3'" 1 
ATOM   459 C  "C2'" . DC  B 1 11 ? -6.928  8.301   -13.195 1.00 27.15 ? 23  DC  B "C2'" 1 
ATOM   460 C  "C1'" . DC  B 1 11 ? -6.586  8.116   -11.762 1.00 19.34 ? 23  DC  B "C1'" 1 
ATOM   461 N  N1    . DC  B 1 11 ? -7.604  8.388   -10.679 1.00 27.50 ? 23  DC  B N1    1 
ATOM   462 C  C2    . DC  B 1 11 ? -8.397  7.300   -10.310 1.00 15.16 ? 23  DC  B C2    1 
ATOM   463 O  O2    . DC  B 1 11 ? -8.251  6.225   -10.948 1.00 26.23 ? 23  DC  B O2    1 
ATOM   464 N  N3    . DC  B 1 11 ? -9.270  7.401   -9.251  1.00 6.29  ? 23  DC  B N3    1 
ATOM   465 C  C4    . DC  B 1 11 ? -9.361  8.605   -8.572  1.00 5.67  ? 23  DC  B C4    1 
ATOM   466 N  N4    . DC  B 1 11 ? -10.187 8.769   -7.516  1.00 24.68 ? 23  DC  B N4    1 
ATOM   467 C  C5    . DC  B 1 11 ? -8.623  9.743   -8.977  1.00 5.20  ? 23  DC  B C5    1 
ATOM   468 C  C6    . DC  B 1 11 ? -7.700  9.573   -9.992  1.00 13.62 ? 23  DC  B C6    1 
ATOM   469 P  P     . DG  B 1 12 ? -7.270  10.678  -15.945 1.00 26.90 ? 24  DG  B P     1 
ATOM   470 O  OP1   . DG  B 1 12 ? -6.387  11.127  -17.053 1.00 20.69 ? 24  DG  B OP1   1 
ATOM   471 O  OP2   . DG  B 1 12 ? -7.863  11.763  -15.097 1.00 23.75 ? 24  DG  B OP2   1 
ATOM   472 O  "O5'" . DG  B 1 12 ? -8.247  9.473   -16.316 1.00 22.33 ? 24  DG  B "O5'" 1 
ATOM   473 C  "C5'" . DG  B 1 12 ? -7.591  8.230   -16.622 1.00 15.40 ? 24  DG  B "C5'" 1 
ATOM   474 C  "C4'" . DG  B 1 12 ? -8.735  7.227   -16.579 1.00 34.51 ? 24  DG  B "C4'" 1 
ATOM   475 O  "O4'" . DG  B 1 12 ? -8.830  6.850   -15.230 1.00 24.32 ? 24  DG  B "O4'" 1 
ATOM   476 C  "C3'" . DG  B 1 12 ? -10.108 7.746   -17.063 1.00 16.81 ? 24  DG  B "C3'" 1 
ATOM   477 O  "O3'" . DG  B 1 12 ? -10.324 7.518   -18.457 1.00 21.71 ? 24  DG  B "O3'" 1 
ATOM   478 C  "C2'" . DG  B 1 12 ? -11.064 6.975   -16.177 1.00 21.26 ? 24  DG  B "C2'" 1 
ATOM   479 C  "C1'" . DG  B 1 12 ? -10.249 6.705   -14.877 1.00 41.04 ? 24  DG  B "C1'" 1 
ATOM   480 N  N9    . DG  B 1 12 ? -10.637 7.553   -13.733 1.00 21.59 ? 24  DG  B N9    1 
ATOM   481 C  C8    . DG  B 1 12 ? -10.245 8.829   -13.461 1.00 15.91 ? 24  DG  B C8    1 
ATOM   482 N  N7    . DG  B 1 12 ? -10.746 9.342   -12.398 1.00 13.34 ? 24  DG  B N7    1 
ATOM   483 C  C5    . DG  B 1 12 ? -11.499 8.316   -11.858 1.00 19.68 ? 24  DG  B C5    1 
ATOM   484 C  C6    . DG  B 1 12 ? -12.319 8.260   -10.684 1.00 29.11 ? 24  DG  B C6    1 
ATOM   485 O  O6    . DG  B 1 12 ? -12.480 9.162   -9.884  1.00 21.11 ? 24  DG  B O6    1 
ATOM   486 N  N1    . DG  B 1 12 ? -13.004 7.075   -10.446 1.00 17.02 ? 24  DG  B N1    1 
ATOM   487 C  C2    . DG  B 1 12 ? -12.832 6.017   -11.362 1.00 18.39 ? 24  DG  B C2    1 
ATOM   488 N  N2    . DG  B 1 12 ? -13.539 4.919   -11.079 1.00 23.60 ? 24  DG  B N2    1 
ATOM   489 N  N3    . DG  B 1 12 ? -12.085 6.012   -12.466 1.00 25.75 ? 24  DG  B N3    1 
ATOM   490 C  C4    . DG  B 1 12 ? -11.436 7.205   -12.644 1.00 23.04 ? 24  DG  B C4    1 
HETATM 491 MG MG    . MG  C 2 .  ? -12.250 6.370   -2.368  1.00 36.96 ? 25  MG  A MG    1 
HETATM 492 O  O     . HOH D 3 .  ? 0.612   0.895   6.060   1.00 13.24 ? 26  HOH A O     1 
HETATM 493 O  O     . HOH D 3 .  ? 7.380   3.682   -3.026  1.00 17.74 ? 29  HOH A O     1 
HETATM 494 O  O     . HOH D 3 .  ? 9.040   -2.843  13.757  1.00 19.91 ? 30  HOH A O     1 
HETATM 495 O  O     . HOH D 3 .  ? 9.495   -0.072  3.776   1.00 21.81 ? 31  HOH A O     1 
HETATM 496 O  O     . HOH D 3 .  ? 0.540   6.216   -1.816  1.00 21.82 ? 32  HOH A O     1 
HETATM 497 O  O     . HOH D 3 .  ? 3.817   -6.151  9.572   1.00 22.23 ? 33  HOH A O     1 
HETATM 498 O  O     . HOH D 3 .  ? 4.422   6.340   -10.391 1.00 23.99 ? 34  HOH A O     1 
HETATM 499 O  O     . HOH D 3 .  ? 7.360   -1.480  -0.478  1.00 25.27 ? 37  HOH A O     1 
HETATM 500 O  O     . HOH D 3 .  ? -14.739 -7.475  -6.805  1.00 26.73 ? 41  HOH A O     1 
HETATM 501 O  O     . HOH D 3 .  ? -13.686 -3.354  -4.740  1.00 28.72 ? 44  HOH A O     1 
HETATM 502 O  O     . HOH D 3 .  ? -7.568  -2.228  -4.210  1.00 30.20 ? 46  HOH A O     1 
HETATM 503 O  O     . HOH D 3 .  ? -12.004 -7.220  -9.712  1.00 30.27 ? 47  HOH A O     1 
HETATM 504 O  O     . HOH D 3 .  ? 4.123   -1.203  -8.582  1.00 31.04 ? 51  HOH A O     1 
HETATM 505 O  O     . HOH D 3 .  ? 5.205   7.548   -12.562 1.00 31.51 ? 54  HOH A O     1 
HETATM 506 O  O     . HOH D 3 .  ? 1.949   1.167   17.180  1.00 31.82 ? 55  HOH A O     1 
HETATM 507 O  O     . HOH D 3 .  ? 0.770   -10.525 15.491  1.00 32.06 ? 57  HOH A O     1 
HETATM 508 O  O     . HOH D 3 .  ? -11.943 -7.149  -6.061  1.00 32.91 ? 58  HOH A O     1 
HETATM 509 O  O     . HOH D 3 .  ? 1.617   -2.688  -7.666  1.00 32.94 ? 60  HOH A O     1 
HETATM 510 O  O     . HOH D 3 .  ? 1.268   -3.476  7.785   1.00 34.66 ? 64  HOH A O     1 
HETATM 511 O  O     . HOH D 3 .  ? 3.206   8.846   6.955   1.00 34.84 ? 65  HOH A O     1 
HETATM 512 O  O     . HOH D 3 .  ? -9.767  -3.927  -5.695  1.00 35.60 ? 66  HOH A O     1 
HETATM 513 O  O     . HOH D 3 .  ? 8.694   3.654   -0.314  1.00 35.70 ? 67  HOH A O     1 
HETATM 514 O  O     . HOH D 3 .  ? 10.258  2.005   8.442   1.00 36.46 ? 68  HOH A O     1 
HETATM 515 O  O     . HOH D 3 .  ? 8.250   2.865   -5.672  1.00 37.83 ? 71  HOH A O     1 
HETATM 516 O  O     . HOH D 3 .  ? 2.865   -6.772  -5.000  1.00 38.37 ? 72  HOH A O     1 
HETATM 517 O  O     . HOH D 3 .  ? 7.464   9.094   -11.452 1.00 38.41 ? 73  HOH A O     1 
HETATM 518 O  O     . HOH D 3 .  ? 3.478   -15.548 14.561  1.00 38.56 ? 75  HOH A O     1 
HETATM 519 O  O     . HOH D 3 .  ? 1.848   -3.247  -4.471  1.00 38.76 ? 77  HOH A O     1 
HETATM 520 O  O     . HOH D 3 .  ? -5.569  -8.325  -12.438 1.00 38.99 ? 78  HOH A O     1 
HETATM 521 O  O     . HOH D 3 .  ? -11.987 9.671   -5.085  1.00 39.33 ? 81  HOH A O     1 
HETATM 522 O  O     . HOH D 3 .  ? 0.003   -0.735  7.713   1.00 40.03 ? 82  HOH A O     1 
HETATM 523 O  O     . HOH D 3 .  ? 7.256   8.954   -6.614  1.00 40.31 ? 84  HOH A O     1 
HETATM 524 O  O     . HOH D 3 .  ? 4.064   -9.169  16.783  1.00 41.27 ? 86  HOH A O     1 
HETATM 525 O  O     . HOH D 3 .  ? 0.449   4.523   12.444  1.00 41.55 ? 88  HOH A O     1 
HETATM 526 O  O     . HOH D 3 .  ? -4.939  -4.418  -6.936  1.00 41.59 ? 89  HOH A O     1 
HETATM 527 O  O     . HOH D 3 .  ? 3.071   0.902   -13.003 1.00 41.65 ? 90  HOH A O     1 
HETATM 528 O  O     . HOH D 3 .  ? 1.458   -13.122 16.766  1.00 43.01 ? 94  HOH A O     1 
HETATM 529 O  O     . HOH D 3 .  ? 1.644   -8.387  9.288   1.00 43.12 ? 95  HOH A O     1 
HETATM 530 O  O     . HOH D 3 .  ? 6.239   -5.933  16.717  1.00 44.02 ? 97  HOH A O     1 
HETATM 531 O  O     . HOH D 3 .  ? 3.450   13.529  8.304   1.00 44.26 ? 98  HOH A O     1 
HETATM 532 O  O     . HOH D 3 .  ? -0.263  -1.314  15.945  1.00 44.97 ? 99  HOH A O     1 
HETATM 533 O  O     . HOH D 3 .  ? -5.321  -7.691  -16.853 1.00 45.31 ? 100 HOH A O     1 
HETATM 534 O  O     . HOH D 3 .  ? 7.891   4.045   4.660   1.00 45.84 ? 102 HOH A O     1 
HETATM 535 O  O     . HOH D 3 .  ? -22.985 0.764   -5.005  1.00 47.47 ? 105 HOH A O     1 
HETATM 536 O  O     . HOH D 3 .  ? 3.992   9.086   -7.133  1.00 47.50 ? 106 HOH A O     1 
HETATM 537 O  O     . HOH D 3 .  ? -1.828  -3.139  11.397  1.00 47.57 ? 107 HOH A O     1 
HETATM 538 O  O     . HOH D 3 .  ? 4.763   0.159   12.618  1.00 48.68 ? 110 HOH A O     1 
HETATM 539 O  O     . HOH D 3 .  ? -19.948 2.380   -3.063  1.00 49.49 ? 116 HOH A O     1 
HETATM 540 O  O     . HOH D 3 .  ? 0.344   2.614   15.572  1.00 51.19 ? 120 HOH A O     1 
HETATM 541 O  O     . HOH D 3 .  ? 1.877   8.666   -4.092  1.00 54.59 ? 124 HOH A O     1 
HETATM 542 O  O     . HOH D 3 .  ? -1.519  -1.126  10.594  1.00 55.32 ? 126 HOH A O     1 
HETATM 543 O  O     . HOH D 3 .  ? 4.606   -0.705  -10.988 1.00 55.35 ? 127 HOH A O     1 
HETATM 544 O  O     . HOH D 3 .  ? 9.947   2.102   3.644   1.00 55.47 ? 128 HOH A O     1 
HETATM 545 O  O     . HOH D 3 .  ? 1.298   5.199   -11.084 1.00 59.09 ? 132 HOH A O     1 
HETATM 546 O  O     . HOH D 3 .  ? 8.327   6.087   10.225  1.00 62.37 ? 133 HOH A O     1 
HETATM 547 O  O     . HOH D 3 .  ? 3.155   -6.912  18.678  1.00 63.08 ? 134 HOH A O     1 
HETATM 548 O  O     . HOH D 3 .  ? 10.295  -4.941  14.702  1.00 65.08 ? 135 HOH A O     1 
HETATM 549 O  O     . HOH D 3 .  ? -2.215  -4.124  -7.057  1.00 69.60 ? 136 HOH A O     1 
HETATM 550 O  O     . HOH D 3 .  ? -13.034 4.709   -3.296  1.00 22.00 ? 137 HOH A O     1 
HETATM 551 O  O     . HOH D 3 .  ? -14.040 7.187   -2.585  1.00 45.73 ? 140 HOH A O     1 
HETATM 552 O  O     . HOH D 3 .  ? -11.966 7.230   -4.294  1.00 27.53 ? 141 HOH A O     1 
HETATM 553 O  O     . HOH E 3 .  ? 1.105   6.429   1.185   1.00 13.25 ? 27  HOH B O     1 
HETATM 554 O  O     . HOH E 3 .  ? 0.276   3.888   2.600   1.00 13.80 ? 28  HOH B O     1 
HETATM 555 O  O     . HOH E 3 .  ? -1.877  8.145   -6.456  1.00 24.84 ? 35  HOH B O     1 
HETATM 556 O  O     . HOH E 3 .  ? 9.726   -8.874  -1.909  1.00 25.23 ? 36  HOH B O     1 
HETATM 557 O  O     . HOH E 3 .  ? -15.945 11.099  -9.245  1.00 25.45 ? 38  HOH B O     1 
HETATM 558 O  O     . HOH E 3 .  ? 5.842   -13.053 -3.259  1.00 25.69 ? 39  HOH B O     1 
HETATM 559 O  O     . HOH E 3 .  ? -7.549  13.747  -7.609  1.00 26.39 ? 40  HOH B O     1 
HETATM 560 O  O     . HOH E 3 .  ? -7.176  0.332   3.718   1.00 27.91 ? 42  HOH B O     1 
HETATM 561 O  O     . HOH E 3 .  ? 16.663  -1.952  9.116   1.00 28.45 ? 43  HOH B O     1 
HETATM 562 O  O     . HOH E 3 .  ? -2.174  -13.624 -2.989  1.00 28.87 ? 45  HOH B O     1 
HETATM 563 O  O     . HOH E 3 .  ? 0.081   13.803  -14.865 1.00 30.44 ? 48  HOH B O     1 
HETATM 564 O  O     . HOH E 3 .  ? -7.096  2.367   5.342   1.00 30.68 ? 49  HOH B O     1 
HETATM 565 O  O     . HOH E 3 .  ? 0.227   -5.028  -1.365  1.00 30.99 ? 50  HOH B O     1 
HETATM 566 O  O     . HOH E 3 .  ? 18.588  -6.944  10.840  1.00 31.12 ? 52  HOH B O     1 
HETATM 567 O  O     . HOH E 3 .  ? 2.961   -6.335  -0.456  1.00 31.20 ? 53  HOH B O     1 
HETATM 568 O  O     . HOH E 3 .  ? -6.603  5.674   2.743   1.00 32.02 ? 56  HOH B O     1 
HETATM 569 O  O     . HOH E 3 .  ? 10.988  -1.128  2.806   1.00 32.92 ? 59  HOH B O     1 
HETATM 570 O  O     . HOH E 3 .  ? -4.199  -5.904  3.322   1.00 32.96 ? 61  HOH B O     1 
HETATM 571 O  O     . HOH E 3 .  ? -1.219  11.246  -9.517  1.00 33.11 ? 62  HOH B O     1 
HETATM 572 O  O     . HOH E 3 .  ? 12.458  -8.382  -5.988  1.00 33.48 ? 63  HOH B O     1 
HETATM 573 O  O     . HOH E 3 .  ? 8.623   -2.749  1.336   1.00 36.56 ? 69  HOH B O     1 
HETATM 574 O  O     . HOH E 3 .  ? -2.388  9.829   6.090   1.00 37.42 ? 70  HOH B O     1 
HETATM 575 O  O     . HOH E 3 .  ? 5.013   -4.040  -1.705  1.00 38.47 ? 74  HOH B O     1 
HETATM 576 O  O     . HOH E 3 .  ? -8.313  6.715   6.836   1.00 38.74 ? 76  HOH B O     1 
HETATM 577 O  O     . HOH E 3 .  ? 8.653   -3.920  -6.444  1.00 39.09 ? 79  HOH B O     1 
HETATM 578 O  O     . HOH E 3 .  ? -5.050  5.731   9.972   1.00 39.25 ? 80  HOH B O     1 
HETATM 579 O  O     . HOH E 3 .  ? -2.322  -12.161 -0.012  1.00 40.05 ? 83  HOH B O     1 
HETATM 580 O  O     . HOH E 3 .  ? -2.997  6.859   -12.347 1.00 41.13 ? 85  HOH B O     1 
HETATM 581 O  O     . HOH E 3 .  ? -2.309  14.720  -8.139  1.00 41.48 ? 87  HOH B O     1 
HETATM 582 O  O     . HOH E 3 .  ? -0.114  3.255   5.451   1.00 42.21 ? 91  HOH B O     1 
HETATM 583 O  O     . HOH E 3 .  ? -2.570  -8.750  1.121   1.00 42.40 ? 92  HOH B O     1 
HETATM 584 O  O     . HOH E 3 .  ? 21.199  -2.643  11.080  1.00 42.67 ? 93  HOH B O     1 
HETATM 585 O  O     . HOH E 3 .  ? -9.120  17.243  -8.171  1.00 43.28 ? 96  HOH B O     1 
HETATM 586 O  O     . HOH E 3 .  ? -2.335  4.588   8.564   1.00 45.53 ? 101 HOH B O     1 
HETATM 587 O  O     . HOH E 3 .  ? 21.298  -2.567  6.280   1.00 45.84 ? 103 HOH B O     1 
HETATM 588 O  O     . HOH E 3 .  ? -6.121  10.529  -19.483 1.00 46.27 ? 104 HOH B O     1 
HETATM 589 O  O     . HOH E 3 .  ? 3.937   -10.227 -2.016  1.00 47.77 ? 108 HOH B O     1 
HETATM 590 O  O     . HOH E 3 .  ? 13.858  -2.169  0.652   1.00 47.92 ? 109 HOH B O     1 
HETATM 591 O  O     . HOH E 3 .  ? -4.148  13.115  -16.091 1.00 48.72 ? 111 HOH B O     1 
HETATM 592 O  O     . HOH E 3 .  ? -5.759  14.470  -14.566 1.00 48.84 ? 112 HOH B O     1 
HETATM 593 O  O     . HOH E 3 .  ? 12.933  -17.443 -1.053  1.00 48.98 ? 113 HOH B O     1 
HETATM 594 O  O     . HOH E 3 .  ? -3.155  -7.178  -3.452  1.00 49.13 ? 114 HOH B O     1 
HETATM 595 O  O     . HOH E 3 .  ? -12.915 11.565  -10.365 1.00 49.15 ? 115 HOH B O     1 
HETATM 596 O  O     . HOH E 3 .  ? 1.099   9.195   2.673   1.00 49.80 ? 117 HOH B O     1 
HETATM 597 O  O     . HOH E 3 .  ? -3.561  -5.070  -0.904  1.00 50.11 ? 118 HOH B O     1 
HETATM 598 O  O     . HOH E 3 .  ? -8.300  15.791  -10.971 1.00 50.68 ? 119 HOH B O     1 
HETATM 599 O  O     . HOH E 3 .  ? -6.441  12.619  -20.781 1.00 52.02 ? 121 HOH B O     1 
HETATM 600 O  O     . HOH E 3 .  ? -4.657  15.299  -8.002  1.00 53.50 ? 122 HOH B O     1 
HETATM 601 O  O     . HOH E 3 .  ? 11.496  -6.968  -0.565  1.00 53.65 ? 123 HOH B O     1 
HETATM 602 O  O     . HOH E 3 .  ? -7.481  -8.868  -4.854  1.00 55.01 ? 125 HOH B O     1 
HETATM 603 O  O     . HOH E 3 .  ? -6.192  2.947   9.494   1.00 55.85 ? 129 HOH B O     1 
HETATM 604 O  O     . HOH E 3 .  ? 6.292   -6.292  -3.398  1.00 56.57 ? 130 HOH B O     1 
HETATM 605 O  O     . HOH E 3 .  ? -1.939  12.108  -14.310 1.00 57.83 ? 131 HOH B O     1 
HETATM 606 O  O     . HOH E 3 .  ? -11.456 7.945   -1.587  1.00 47.54 ? 138 HOH B O     1 
HETATM 607 O  O     . HOH E 3 .  ? -10.402 5.542   -2.493  1.00 26.03 ? 139 HOH B O     1 
HETATM 608 O  O     . HOH E 3 .  ? -12.596 5.583   -0.644  1.00 32.74 ? 142 HOH B O     1 
# 
